data_6Y1S
# 
_entry.id   6Y1S 
# 
_audit_conform.dict_name       mmcif_pdbx.dic 
_audit_conform.dict_version    5.383 
_audit_conform.dict_location   http://mmcif.pdb.org/dictionaries/ascii/mmcif_pdbx.dic 
# 
loop_
_database_2.database_id 
_database_2.database_code 
_database_2.pdbx_database_accession 
_database_2.pdbx_DOI 
PDB   6Y1S         pdb_00006y1s 10.2210/pdb6y1s/pdb 
WWPDB D_1292106727 ?            ?                   
# 
loop_
_pdbx_audit_revision_history.ordinal 
_pdbx_audit_revision_history.data_content_type 
_pdbx_audit_revision_history.major_revision 
_pdbx_audit_revision_history.minor_revision 
_pdbx_audit_revision_history.revision_date 
1 'Structure model' 1 0 2021-03-03 
2 'Structure model' 1 1 2022-02-02 
3 'Structure model' 1 2 2024-01-24 
# 
_pdbx_audit_revision_details.ordinal             1 
_pdbx_audit_revision_details.revision_ordinal    1 
_pdbx_audit_revision_details.data_content_type   'Structure model' 
_pdbx_audit_revision_details.provider            repository 
_pdbx_audit_revision_details.type                'Initial release' 
_pdbx_audit_revision_details.description         ? 
_pdbx_audit_revision_details.details             ? 
# 
loop_
_pdbx_audit_revision_group.ordinal 
_pdbx_audit_revision_group.revision_ordinal 
_pdbx_audit_revision_group.data_content_type 
_pdbx_audit_revision_group.group 
1 2 'Structure model' 'Database references'    
2 3 'Structure model' 'Data collection'        
3 3 'Structure model' 'Database references'    
4 3 'Structure model' 'Derived calculations'   
5 3 'Structure model' 'Refinement description' 
# 
loop_
_pdbx_audit_revision_category.ordinal 
_pdbx_audit_revision_category.revision_ordinal 
_pdbx_audit_revision_category.data_content_type 
_pdbx_audit_revision_category.category 
1 2 'Structure model' citation                      
2 2 'Structure model' citation_author               
3 2 'Structure model' database_2                    
4 3 'Structure model' chem_comp_atom                
5 3 'Structure model' chem_comp_bond                
6 3 'Structure model' citation                      
7 3 'Structure model' pdbx_initial_refinement_model 
8 3 'Structure model' struct_conn                   
# 
loop_
_pdbx_audit_revision_item.ordinal 
_pdbx_audit_revision_item.revision_ordinal 
_pdbx_audit_revision_item.data_content_type 
_pdbx_audit_revision_item.item 
1 2 'Structure model' '_database_2.pdbx_DOI'                
2 2 'Structure model' '_database_2.pdbx_database_accession' 
3 3 'Structure model' '_citation.journal_id_ISSN'           
4 3 'Structure model' '_struct_conn.pdbx_leaving_atom_flag' 
# 
_pdbx_database_status.status_code                     REL 
_pdbx_database_status.status_code_sf                  REL 
_pdbx_database_status.status_code_mr                  ? 
_pdbx_database_status.entry_id                        6Y1S 
_pdbx_database_status.recvd_initial_deposition_date   2020-02-13 
_pdbx_database_status.SG_entry                        N 
_pdbx_database_status.deposit_site                    PDBE 
_pdbx_database_status.process_site                    PDBE 
_pdbx_database_status.status_code_cs                  ? 
_pdbx_database_status.status_code_nmr_data            ? 
_pdbx_database_status.methods_development_category    ? 
_pdbx_database_status.pdb_format_compatible           Y 
# 
loop_
_audit_author.name 
_audit_author.pdbx_ordinal 
_audit_author.identifier_ORCID 
'Baeriswyl, S.'  1 0000-0002-2899-4516 
'Stocker, A.'    2 0000-0001-6862-7887 
'Reymond, J.-L.' 3 0000-0003-2724-2942 
# 
loop_
_citation.abstract 
_citation.abstract_id_CAS 
_citation.book_id_ISBN 
_citation.book_publisher 
_citation.book_publisher_city 
_citation.book_title 
_citation.coordinate_linkage 
_citation.country 
_citation.database_id_Medline 
_citation.details 
_citation.id 
_citation.journal_abbrev 
_citation.journal_id_ASTM 
_citation.journal_id_CSD 
_citation.journal_id_ISSN 
_citation.journal_full 
_citation.journal_issue 
_citation.journal_volume 
_citation.language 
_citation.page_first 
_citation.page_last 
_citation.title 
_citation.year 
_citation.database_id_CSD 
_citation.pdbx_database_id_DOI 
_citation.pdbx_database_id_PubMed 
_citation.pdbx_database_id_patent 
_citation.unpublished_flag 
? ? ? ? ? ? ? UK ? ? primary 'Rsc Chem Biol' ? ? 2633-0679 ? ? 2 ? 1608 1617 
'A mixed chirality alpha-helix in a stapled bicyclic and a linear antimicrobial peptide revealed by X-ray crystallography.' 2021 ? 
10.1039/d1cb00124h            34977576 ? ? 
? ? ? ? ? ? ? UK ? ? 1       'Rsc Chem Biol' ? ? 2633-0679 ? ? 2 ? 1608 1617 
'A mixed chirality alpha-helix in a stapled bicyclic and a linear antimicrobial peptide revealed by X-ray crystallography.' 2021 ? 
10.1039/d1cb00124h            34977576 ? ? 
? ? ? ? ? ? ? US ? ? 2       Chemrxiv        ? ? 2573-2293 ? ? ? ? ?    ?    
'Mixed Chirality alpha-Helix in a Stapled Bicyclic and a Linear Antimicrobial Peptide Revealed by X-Ray Crystallography.'   2021 ? 
10.26434/chemrxiv.14052293.v1 ?        ? ? 
# 
loop_
_citation_author.citation_id 
_citation_author.name 
_citation_author.ordinal 
_citation_author.identifier_ORCID 
primary 'Baeriswyl, S.'      1  0000-0002-2899-4516 
primary 'Personne, H.'       2  0000-0002-2078-0564 
primary 'Di Bonaventura, I.' 3  0000-0002-0535-1198 
primary 'Kohler, T.'         4  0000-0003-4889-9492 
primary 'van Delden, C.'     5  0000-0002-2901-8285 
primary 'Stocker, A.'        6  0000-0001-6862-7887 
primary 'Javor, S.'          7  0000-0002-0342-3418 
primary 'Reymond, J.L.'      8  0000-0003-2724-2942 
1       'Baeriswyl, S.'      9  0000-0002-2899-4516 
1       'Personne, H.'       10 0000-0002-2078-0564 
1       'Di Bonaventura, I.' 11 0000-0002-0535-1198 
1       'Kohler, T.'         12 0000-0003-4889-9492 
1       'van Delden, C.'     13 0000-0002-2901-8285 
1       'Stocker, A.'        14 0000-0001-6862-7887 
1       'Javor, S.'          15 0000-0002-0342-3418 
1       'Reymond, J.L.'      16 0000-0003-2724-2942 
2       'Baeriswyl, S.'      17 0000-0002-2899-4516 
2       'Personne, H.'       18 ?                   
2       'Di Bonaventura, I.' 19 ?                   
2       'Kohler, T.'         20 ?                   
2       'van Delden, C.'     21 ?                   
2       'Stocker, A.'        22 0000-0001-6862-7887 
2       'Javor, S.'          23 ?                   
2       'Reymond, J.-L.'     24 0000-0003-2724-2942 
# 
_entity.id                         1 
_entity.type                       polymer 
_entity.src_method                 syn 
_entity.pdbx_description           bp70 
_entity.formula_weight             1533.839 
_entity.pdbx_number_of_molecules   1 
_entity.pdbx_ec                    ? 
_entity.pdbx_mutation              ? 
_entity.pdbx_fragment              ? 
_entity.details                    'Bicyclic stapled peptide bp94 in I4132' 
# 
_entity_poly.entity_id                      1 
_entity_poly.type                           'polypeptide(L)' 
_entity_poly.nstd_linkage                   no 
_entity_poly.nstd_monomer                   yes 
_entity_poly.pdbx_seq_one_letter_code       '(O65)H(ORN)(NLE)Y(DAB)CIRCYA(NH2)' 
_entity_poly.pdbx_seq_one_letter_code_can   XHALYACIRCYAX 
_entity_poly.pdbx_strand_id                 A 
_entity_poly.pdbx_target_identifier         ? 
# 
loop_
_entity_poly_seq.entity_id 
_entity_poly_seq.num 
_entity_poly_seq.mon_id 
_entity_poly_seq.hetero 
1 1  O65 n 
1 2  HIS n 
1 3  ORN n 
1 4  NLE n 
1 5  TYR n 
1 6  DAB n 
1 7  CYS n 
1 8  ILE n 
1 9  ARG n 
1 10 CYS n 
1 11 TYR n 
1 12 ALA n 
1 13 NH2 n 
# 
_pdbx_entity_src_syn.entity_id              1 
_pdbx_entity_src_syn.pdbx_src_id            1 
_pdbx_entity_src_syn.pdbx_alt_source_flag   sample 
_pdbx_entity_src_syn.pdbx_beg_seq_num       1 
_pdbx_entity_src_syn.pdbx_end_seq_num       13 
_pdbx_entity_src_syn.organism_scientific    'synthetic construct' 
_pdbx_entity_src_syn.organism_common_name   ? 
_pdbx_entity_src_syn.ncbi_taxonomy_id       32630 
_pdbx_entity_src_syn.details                ? 
# 
loop_
_chem_comp.id 
_chem_comp.type 
_chem_comp.mon_nstd_flag 
_chem_comp.name 
_chem_comp.pdbx_synonyms 
_chem_comp.formula 
_chem_comp.formula_weight 
ALA 'L-peptide linking' y ALANINE                                        ? 'C3 H7 N O2'     89.093  
ARG 'L-peptide linking' y ARGININE                                       ? 'C6 H15 N4 O2 1' 175.209 
CYS 'L-peptide linking' y CYSTEINE                                       ? 'C3 H7 N O2 S'   121.158 
DAB 'L-peptide linking' n '2,4-DIAMINOBUTYRIC ACID'                      ? 'C4 H10 N2 O2'   118.134 
HIS 'L-peptide linking' y HISTIDINE                                      ? 'C6 H10 N3 O2 1' 156.162 
ILE 'L-peptide linking' y ISOLEUCINE                                     ? 'C6 H13 N O2'    131.173 
NH2 non-polymer         . 'AMINO GROUP'                                  ? 'H2 N'           16.023  
NLE 'L-peptide linking' n NORLEUCINE                                     ? 'C6 H13 N O2'    131.173 
O65 non-polymer         . '3,5-bis(hydroxymethyl)-4-methyl-benzaldehyde' ? 'C10 H12 O4'     196.200 
ORN 'L-peptide linking' n L-ornithine                                    ? 'C5 H12 N2 O2'   132.161 
TYR 'L-peptide linking' y TYROSINE                                       ? 'C9 H11 N O3'    181.189 
# 
loop_
_pdbx_poly_seq_scheme.asym_id 
_pdbx_poly_seq_scheme.entity_id 
_pdbx_poly_seq_scheme.seq_id 
_pdbx_poly_seq_scheme.mon_id 
_pdbx_poly_seq_scheme.ndb_seq_num 
_pdbx_poly_seq_scheme.pdb_seq_num 
_pdbx_poly_seq_scheme.auth_seq_num 
_pdbx_poly_seq_scheme.pdb_mon_id 
_pdbx_poly_seq_scheme.auth_mon_id 
_pdbx_poly_seq_scheme.pdb_strand_id 
_pdbx_poly_seq_scheme.pdb_ins_code 
_pdbx_poly_seq_scheme.hetero 
A 1 1  O65 1  1  1  O65 DBZ A . n 
A 1 2  HIS 2  2  2  HIS HIS A . n 
A 1 3  ORN 3  3  3  ORN ORN A . n 
A 1 4  NLE 4  4  4  NLE NLE A . n 
A 1 5  TYR 5  5  5  TYR TYR A . n 
A 1 6  DAB 6  6  6  DAB DAB A . n 
A 1 7  CYS 7  7  7  CYS CYS A . n 
A 1 8  ILE 8  8  8  ILE ILE A . n 
A 1 9  ARG 9  9  9  ARG ARG A . n 
A 1 10 CYS 10 10 10 CYS CYS A . n 
A 1 11 TYR 11 11 11 TYR TYR A . n 
A 1 12 ALA 12 12 12 ALA ALA A . n 
A 1 13 NH2 13 13 13 NH2 NH2 A . n 
# 
loop_
_software.citation_id 
_software.classification 
_software.compiler_name 
_software.compiler_version 
_software.contact_author 
_software.contact_author_email 
_software.date 
_software.description 
_software.dependencies 
_software.hardware 
_software.language 
_software.location 
_software.mods 
_software.name 
_software.os 
_software.os_version 
_software.type 
_software.version 
_software.pdbx_ordinal 
? refinement        ? ? ?                 ?                                       ? ? ? ? ?   ? ? SHELX       ? ? ?       .      1 
? 'data reduction'  ? ? 'Wolfgang Kabsch' Wolfgang.Kabsch@mpimf-heidelberg.mpg.de ? ? ? ? ?   
http://www.mpimf-heidelberg.mpg.de/~kabsch/xds/                             ? XDS         ? ? package .      2 
? 'data scaling'    ? ? 'Wolfgang Kabsch' ?                                       ? ? ? ? ?   
http://www.mpimf-heidelberg.mpg.de/~kabsch/xds/html_doc/xscale_program.html ? XSCALE      ? ? package .      3 
? phasing           ? ? 'Randy J. Read'   cimr-phaser@lists.cam.ac.uk             
'Thu Oct 27 01:15:02 2016 (svn 7793) (git 6847, 75ff0fc... )' ? ? ? ?   http://www-structmed.cimr.cam.ac.uk/phaser/ ? PHASER      
? ? program 2.7.16 4 
? 'data extraction' ? ? PDB               deposit@deposit.rcsb.org                'Apr. 1, 2019' ? ? ? C++ 
http://sw-tools.pdb.org/apps/PDB_EXTRACT/                                   ? PDB_EXTRACT ? ? package 3.25   5 
# 
_cell.angle_alpha                  90.000 
_cell.angle_alpha_esd              ? 
_cell.angle_beta                   90.000 
_cell.angle_beta_esd               ? 
_cell.angle_gamma                  90.000 
_cell.angle_gamma_esd              ? 
_cell.entry_id                     6Y1S 
_cell.details                      ? 
_cell.formula_units_Z              ? 
_cell.length_a                     55.459 
_cell.length_a_esd                 ? 
_cell.length_b                     55.459 
_cell.length_b_esd                 ? 
_cell.length_c                     55.459 
_cell.length_c_esd                 ? 
_cell.volume                       ? 
_cell.volume_esd                   ? 
_cell.Z_PDB                        48 
_cell.reciprocal_angle_alpha       ? 
_cell.reciprocal_angle_beta        ? 
_cell.reciprocal_angle_gamma       ? 
_cell.reciprocal_angle_alpha_esd   ? 
_cell.reciprocal_angle_beta_esd    ? 
_cell.reciprocal_angle_gamma_esd   ? 
_cell.reciprocal_length_a          ? 
_cell.reciprocal_length_b          ? 
_cell.reciprocal_length_c          ? 
_cell.reciprocal_length_a_esd      ? 
_cell.reciprocal_length_b_esd      ? 
_cell.reciprocal_length_c_esd      ? 
_cell.pdbx_unique_axis             ? 
# 
_symmetry.entry_id                         6Y1S 
_symmetry.cell_setting                     ? 
_symmetry.Int_Tables_number                214 
_symmetry.space_group_name_Hall            ? 
_symmetry.space_group_name_H-M             'I 41 3 2' 
_symmetry.pdbx_full_space_group_name_H-M   ? 
# 
_exptl.absorpt_coefficient_mu     ? 
_exptl.absorpt_correction_T_max   ? 
_exptl.absorpt_correction_T_min   ? 
_exptl.absorpt_correction_type    ? 
_exptl.absorpt_process_details    ? 
_exptl.entry_id                   6Y1S 
_exptl.crystals_number            1 
_exptl.details                    ? 
_exptl.method                     'X-RAY DIFFRACTION' 
_exptl.method_details             ? 
# 
_exptl_crystal.colour                      ? 
_exptl_crystal.density_diffrn              ? 
_exptl_crystal.density_Matthews            2.090 
_exptl_crystal.density_method              ? 
_exptl_crystal.density_percent_sol         53.08 
_exptl_crystal.description                 ? 
_exptl_crystal.F_000                       ? 
_exptl_crystal.id                          1 
_exptl_crystal.preparation                 ? 
_exptl_crystal.size_max                    ? 
_exptl_crystal.size_mid                    ? 
_exptl_crystal.size_min                    ? 
_exptl_crystal.size_rad                    ? 
_exptl_crystal.colour_lustre               ? 
_exptl_crystal.colour_modifier             ? 
_exptl_crystal.colour_primary              ? 
_exptl_crystal.density_meas                ? 
_exptl_crystal.density_meas_esd            ? 
_exptl_crystal.density_meas_gt             ? 
_exptl_crystal.density_meas_lt             ? 
_exptl_crystal.density_meas_temp           ? 
_exptl_crystal.density_meas_temp_esd       ? 
_exptl_crystal.density_meas_temp_gt        ? 
_exptl_crystal.density_meas_temp_lt        ? 
_exptl_crystal.pdbx_crystal_image_url      ? 
_exptl_crystal.pdbx_crystal_image_format   ? 
_exptl_crystal.pdbx_mosaicity              ? 
_exptl_crystal.pdbx_mosaicity_esd          ? 
# 
_exptl_crystal_grow.apparatus       ? 
_exptl_crystal_grow.atmosphere      ? 
_exptl_crystal_grow.crystal_id      1 
_exptl_crystal_grow.details         ? 
_exptl_crystal_grow.method          'VAPOR DIFFUSION, SITTING DROP' 
_exptl_crystal_grow.method_ref      ? 
_exptl_crystal_grow.pH              4.60 
_exptl_crystal_grow.pressure        ? 
_exptl_crystal_grow.pressure_esd    ? 
_exptl_crystal_grow.seeding         ? 
_exptl_crystal_grow.seeding_ref     ? 
_exptl_crystal_grow.temp            291 
_exptl_crystal_grow.temp_details    ? 
_exptl_crystal_grow.temp_esd        ? 
_exptl_crystal_grow.time            ? 
_exptl_crystal_grow.pdbx_details    '0.2 M CALCIUM CHLORIDE DIHYDRATE, 0.1 M SODIUM ACETATE TRIHYDRATE PH 4.6, 20% V/V 2-PROPANOL' 
_exptl_crystal_grow.pdbx_pH_range   ? 
# 
_diffrn.ambient_environment              ? 
_diffrn.ambient_temp                     100.000 
_diffrn.ambient_temp_details             ? 
_diffrn.ambient_temp_esd                 ? 
_diffrn.crystal_id                       1 
_diffrn.crystal_support                  ? 
_diffrn.crystal_treatment                ? 
_diffrn.details                          ? 
_diffrn.id                               1 
_diffrn.ambient_pressure                 ? 
_diffrn.ambient_pressure_esd             ? 
_diffrn.ambient_pressure_gt              ? 
_diffrn.ambient_pressure_lt              ? 
_diffrn.ambient_temp_gt                  ? 
_diffrn.ambient_temp_lt                  ? 
_diffrn.pdbx_serial_crystal_experiment   N 
# 
_diffrn_detector.details                      'COLLIMATING MIRROR (M1), BARTELS MONOCHROMATOR (DCCM), TOROIDAL MIRROR (M2)' 
_diffrn_detector.detector                     PIXEL 
_diffrn_detector.diffrn_id                    1 
_diffrn_detector.type                         'DECTRIS PILATUS 2M-F' 
_diffrn_detector.area_resol_mean              ? 
_diffrn_detector.dtime                        ? 
_diffrn_detector.pdbx_frames_total            ? 
_diffrn_detector.pdbx_collection_time_total   ? 
_diffrn_detector.pdbx_collection_date         2019-02-23 
_diffrn_detector.pdbx_frequency               ? 
# 
_diffrn_radiation.collimation                      ? 
_diffrn_radiation.diffrn_id                        1 
_diffrn_radiation.filter_edge                      ? 
_diffrn_radiation.inhomogeneity                    ? 
_diffrn_radiation.monochromator                    'BARTELS MONOCHROMATOR' 
_diffrn_radiation.polarisn_norm                    ? 
_diffrn_radiation.polarisn_ratio                   ? 
_diffrn_radiation.probe                            ? 
_diffrn_radiation.type                             ? 
_diffrn_radiation.xray_symbol                      ? 
_diffrn_radiation.wavelength_id                    1 
_diffrn_radiation.pdbx_monochromatic_or_laue_m_l   M 
_diffrn_radiation.pdbx_wavelength_list             ? 
_diffrn_radiation.pdbx_wavelength                  ? 
_diffrn_radiation.pdbx_diffrn_protocol             MAD 
_diffrn_radiation.pdbx_analyzer                    ? 
_diffrn_radiation.pdbx_scattering_type             x-ray 
# 
_diffrn_radiation_wavelength.id           1 
_diffrn_radiation_wavelength.wavelength   1.000036 
_diffrn_radiation_wavelength.wt           1.0 
# 
_diffrn_source.current                     ? 
_diffrn_source.details                     ? 
_diffrn_source.diffrn_id                   1 
_diffrn_source.power                       ? 
_diffrn_source.size                        ? 
_diffrn_source.source                      SYNCHROTRON 
_diffrn_source.target                      ? 
_diffrn_source.type                        'SLS BEAMLINE X06DA' 
_diffrn_source.voltage                     ? 
_diffrn_source.take-off_angle              ? 
_diffrn_source.pdbx_wavelength_list        1.000036 
_diffrn_source.pdbx_wavelength             ? 
_diffrn_source.pdbx_synchrotron_beamline   X06DA 
_diffrn_source.pdbx_synchrotron_site       SLS 
# 
_reflns.B_iso_Wilson_estimate            ? 
_reflns.entry_id                         6Y1S 
_reflns.data_reduction_details           ? 
_reflns.data_reduction_method            ? 
_reflns.d_resolution_high                1.040 
_reflns.d_resolution_low                 39.240 
_reflns.details                          ? 
_reflns.limit_h_max                      ? 
_reflns.limit_h_min                      ? 
_reflns.limit_k_max                      ? 
_reflns.limit_k_min                      ? 
_reflns.limit_l_max                      ? 
_reflns.limit_l_min                      ? 
_reflns.number_all                       ? 
_reflns.number_obs                       7245 
_reflns.observed_criterion               ? 
_reflns.observed_criterion_F_max         ? 
_reflns.observed_criterion_F_min         ? 
_reflns.observed_criterion_I_max         ? 
_reflns.observed_criterion_I_min         ? 
_reflns.observed_criterion_sigma_F       ? 
_reflns.observed_criterion_sigma_I       ? 
_reflns.percent_possible_obs             99.920 
_reflns.R_free_details                   ? 
_reflns.Rmerge_F_all                     ? 
_reflns.Rmerge_F_obs                     ? 
_reflns.Friedel_coverage                 ? 
_reflns.number_gt                        ? 
_reflns.threshold_expression             ? 
_reflns.pdbx_redundancy                  65.000 
_reflns.pdbx_Rmerge_I_obs                0.047 
_reflns.pdbx_Rmerge_I_all                ? 
_reflns.pdbx_Rsym_value                  ? 
_reflns.pdbx_netI_over_av_sigmaI         ? 
_reflns.pdbx_netI_over_sigmaI            51.200 
_reflns.pdbx_res_netI_over_av_sigmaI_2   ? 
_reflns.pdbx_res_netI_over_sigmaI_2      ? 
_reflns.pdbx_chi_squared                 ? 
_reflns.pdbx_scaling_rejects             ? 
_reflns.pdbx_d_res_high_opt              ? 
_reflns.pdbx_d_res_low_opt               ? 
_reflns.pdbx_d_res_opt_method            ? 
_reflns.phase_calculation_details        ? 
_reflns.pdbx_Rrim_I_all                  0.045 
_reflns.pdbx_Rpim_I_all                  0.006 
_reflns.pdbx_d_opt                       ? 
_reflns.pdbx_number_measured_all         ? 
_reflns.pdbx_diffrn_id                   1 
_reflns.pdbx_ordinal                     1 
_reflns.pdbx_CC_half                     1.0 
_reflns.pdbx_CC_star                     1.0 
_reflns.pdbx_R_split                     ? 
# 
_reflns_shell.d_res_high                  1.040 
_reflns_shell.d_res_low                   1.060 
_reflns_shell.meanI_over_sigI_all         ? 
_reflns_shell.meanI_over_sigI_obs         1.000 
_reflns_shell.number_measured_all         ? 
_reflns_shell.number_measured_obs         ? 
_reflns_shell.number_possible             ? 
_reflns_shell.number_unique_all           ? 
_reflns_shell.number_unique_obs           2124 
_reflns_shell.percent_possible_all        98.580 
_reflns_shell.percent_possible_obs        ? 
_reflns_shell.Rmerge_F_all                ? 
_reflns_shell.Rmerge_F_obs                ? 
_reflns_shell.Rmerge_I_all                ? 
_reflns_shell.Rmerge_I_obs                2.927 
_reflns_shell.meanI_over_sigI_gt          ? 
_reflns_shell.meanI_over_uI_all           ? 
_reflns_shell.meanI_over_uI_gt            ? 
_reflns_shell.number_measured_gt          ? 
_reflns_shell.number_unique_gt            ? 
_reflns_shell.percent_possible_gt         ? 
_reflns_shell.Rmerge_F_gt                 ? 
_reflns_shell.Rmerge_I_gt                 ? 
_reflns_shell.pdbx_redundancy             19.100 
_reflns_shell.pdbx_Rsym_value             ? 
_reflns_shell.pdbx_chi_squared            ? 
_reflns_shell.pdbx_netI_over_sigmaI_all   ? 
_reflns_shell.pdbx_netI_over_sigmaI_obs   ? 
_reflns_shell.pdbx_Rrim_I_all             ? 
_reflns_shell.pdbx_Rpim_I_all             ? 
_reflns_shell.pdbx_rejects                ? 
_reflns_shell.pdbx_ordinal                1 
_reflns_shell.pdbx_diffrn_id              1 
_reflns_shell.pdbx_CC_half                ? 
_reflns_shell.pdbx_CC_star                ? 
_reflns_shell.pdbx_R_split                ? 
# 
_refine.aniso_B[1][1]                            ? 
_refine.aniso_B[1][2]                            ? 
_refine.aniso_B[1][3]                            ? 
_refine.aniso_B[2][2]                            ? 
_refine.aniso_B[2][3]                            ? 
_refine.aniso_B[3][3]                            ? 
_refine.B_iso_max                                61.330 
_refine.B_iso_mean                               25.4355 
_refine.B_iso_min                                14.340 
_refine.correlation_coeff_Fo_to_Fc               ? 
_refine.correlation_coeff_Fo_to_Fc_free          ? 
_refine.details                                  'ANISOTROPIC REFINEMENT REDUCED FREE R (NO CUTOFF) BY ?' 
_refine.diff_density_max                         ? 
_refine.diff_density_max_esd                     ? 
_refine.diff_density_min                         ? 
_refine.diff_density_min_esd                     ? 
_refine.diff_density_rms                         ? 
_refine.diff_density_rms_esd                     ? 
_refine.entry_id                                 6Y1S 
_refine.pdbx_refine_id                           'X-RAY DIFFRACTION' 
_refine.ls_abs_structure_details                 ? 
_refine.ls_abs_structure_Flack                   ? 
_refine.ls_abs_structure_Flack_esd               ? 
_refine.ls_abs_structure_Rogers                  ? 
_refine.ls_abs_structure_Rogers_esd              ? 
_refine.ls_d_res_high                            1.0400 
_refine.ls_d_res_low                             39.2400 
_refine.ls_extinction_coef                       ? 
_refine.ls_extinction_coef_esd                   ? 
_refine.ls_extinction_expression                 ? 
_refine.ls_extinction_method                     ? 
_refine.ls_goodness_of_fit_all                   ? 
_refine.ls_goodness_of_fit_all_esd               ? 
_refine.ls_goodness_of_fit_obs                   ? 
_refine.ls_goodness_of_fit_obs_esd               ? 
_refine.ls_hydrogen_treatment                    ? 
_refine.ls_matrix_type                           ? 
_refine.ls_number_constraints                    ? 
_refine.ls_number_parameters                     ? 
_refine.ls_number_reflns_all                     7230 
_refine.ls_number_reflns_obs                     7230 
_refine.ls_number_reflns_R_free                  ? 
_refine.ls_number_reflns_R_work                  ? 
_refine.ls_number_restraints                     ? 
_refine.ls_percent_reflns_obs                    99.9200 
_refine.ls_percent_reflns_R_free                 ? 
_refine.ls_R_factor_all                          ? 
_refine.ls_R_factor_obs                          ? 
_refine.ls_R_factor_R_free                       0.2345 
_refine.ls_R_factor_R_free_error                 ? 
_refine.ls_R_factor_R_free_error_details         ? 
_refine.ls_R_factor_R_work                       ? 
_refine.ls_R_Fsqd_factor_obs                     ? 
_refine.ls_R_I_factor_obs                        ? 
_refine.ls_redundancy_reflns_all                 ? 
_refine.ls_redundancy_reflns_obs                 ? 
_refine.ls_restrained_S_all                      ? 
_refine.ls_restrained_S_obs                      ? 
_refine.ls_shift_over_esd_max                    ? 
_refine.ls_shift_over_esd_mean                   ? 
_refine.ls_structure_factor_coef                 ? 
_refine.ls_weighting_details                     ? 
_refine.ls_weighting_scheme                      ? 
_refine.ls_wR_factor_all                         ? 
_refine.ls_wR_factor_obs                         ? 
_refine.ls_wR_factor_R_free                      ? 
_refine.ls_wR_factor_R_work                      ? 
_refine.occupancy_max                            ? 
_refine.occupancy_min                            ? 
_refine.solvent_model_details                    'MOEWS & KRETSINGER, J.MOL.BIOL.91(1973)201-228' 
_refine.solvent_model_param_bsol                 ? 
_refine.solvent_model_param_ksol                 ? 
_refine.pdbx_R_complete                          ? 
_refine.ls_R_factor_gt                           ? 
_refine.ls_goodness_of_fit_gt                    ? 
_refine.ls_goodness_of_fit_ref                   ? 
_refine.ls_shift_over_su_max                     ? 
_refine.ls_shift_over_su_max_lt                  ? 
_refine.ls_shift_over_su_mean                    ? 
_refine.ls_shift_over_su_mean_lt                 ? 
_refine.pdbx_ls_sigma_I                          ? 
_refine.pdbx_ls_sigma_F                          0.000 
_refine.pdbx_ls_sigma_Fsqd                       ? 
_refine.pdbx_data_cutoff_high_absF               ? 
_refine.pdbx_data_cutoff_high_rms_absF           ? 
_refine.pdbx_data_cutoff_low_absF                ? 
_refine.pdbx_isotropic_thermal_model             ? 
_refine.pdbx_ls_cross_valid_method               'FREE R-VALUE' 
_refine.pdbx_method_to_determine_struct          'MOLECULAR REPLACEMENT' 
_refine.pdbx_starting_model                      6Y13 
_refine.pdbx_stereochemistry_target_values       'ENGH AND HUBER' 
_refine.pdbx_R_Free_selection_details            RANDOM 
_refine.pdbx_stereochem_target_val_spec_case     ? 
_refine.pdbx_overall_ESU_R                       ? 
_refine.pdbx_overall_ESU_R_Free                  ? 
_refine.pdbx_solvent_vdw_probe_radii             ? 
_refine.pdbx_solvent_ion_probe_radii             ? 
_refine.pdbx_solvent_shrinkage_radii             ? 
_refine.pdbx_real_space_R                        ? 
_refine.pdbx_density_correlation                 ? 
_refine.pdbx_pd_number_of_powder_patterns        ? 
_refine.pdbx_pd_number_of_points                 ? 
_refine.pdbx_pd_meas_number_of_points            ? 
_refine.pdbx_pd_proc_ls_prof_R_factor            ? 
_refine.pdbx_pd_proc_ls_prof_wR_factor           ? 
_refine.pdbx_pd_Marquardt_correlation_coeff      ? 
_refine.pdbx_pd_Fsqrd_R_factor                   ? 
_refine.pdbx_pd_ls_matrix_band_width             ? 
_refine.pdbx_overall_phase_error                 ? 
_refine.pdbx_overall_SU_R_free_Cruickshank_DPI   ? 
_refine.pdbx_overall_SU_R_free_Blow_DPI          ? 
_refine.pdbx_overall_SU_R_Blow_DPI               ? 
_refine.pdbx_TLS_residual_ADP_flag               ? 
_refine.pdbx_diffrn_id                           1 
_refine.overall_SU_B                             ? 
_refine.overall_SU_ML                            ? 
_refine.overall_SU_R_Cruickshank_DPI             ? 
_refine.overall_SU_R_free                        ? 
_refine.overall_FOM_free_R_set                   ? 
_refine.overall_FOM_work_R_set                   ? 
_refine.pdbx_average_fsc_overall                 ? 
_refine.pdbx_average_fsc_work                    ? 
_refine.pdbx_average_fsc_free                    ? 
# 
_refine_hist.pdbx_refine_id                   'X-RAY DIFFRACTION' 
_refine_hist.cycle_id                         final 
_refine_hist.details                          ? 
_refine_hist.d_res_high                       1.0400 
_refine_hist.d_res_low                        39.2400 
_refine_hist.number_atoms_solvent             0 
_refine_hist.number_atoms_total               105 
_refine_hist.number_reflns_all                ? 
_refine_hist.number_reflns_obs                ? 
_refine_hist.number_reflns_R_free             ? 
_refine_hist.number_reflns_R_work             ? 
_refine_hist.R_factor_all                     ? 
_refine_hist.R_factor_obs                     ? 
_refine_hist.R_factor_R_free                  ? 
_refine_hist.R_factor_R_work                  ? 
_refine_hist.pdbx_number_residues_total       13 
_refine_hist.pdbx_B_iso_mean_ligand           ? 
_refine_hist.pdbx_B_iso_mean_solvent          ? 
_refine_hist.pdbx_number_atoms_protein        105 
_refine_hist.pdbx_number_atoms_nucleic_acid   0 
_refine_hist.pdbx_number_atoms_ligand         0 
_refine_hist.pdbx_number_atoms_lipid          ? 
_refine_hist.pdbx_number_atoms_carb           ? 
_refine_hist.pdbx_pseudo_atom_details         ? 
# 
loop_
_refine_ls_restr.pdbx_refine_id 
_refine_ls_restr.criterion 
_refine_ls_restr.dev_ideal 
_refine_ls_restr.dev_ideal_target 
_refine_ls_restr.number 
_refine_ls_restr.rejects 
_refine_ls_restr.type 
_refine_ls_restr.weight 
_refine_ls_restr.pdbx_restraint_function 
'X-RAY DIFFRACTION' ? 0.025 ? ? ? s_bond_d               ? ? 
'X-RAY DIFFRACTION' ? 0.514 ? ? ? s_angle_d              ? ? 
'X-RAY DIFFRACTION' ? 0.000 ? ? ? s_similar_dist         ? ? 
'X-RAY DIFFRACTION' ? 0.006 ? ? ? s_from_restr_planes    ? ? 
'X-RAY DIFFRACTION' ? 0.132 ? ? ? s_zero_chiral_vol      ? ? 
'X-RAY DIFFRACTION' ? 0.318 ? ? ? s_non_zero_chiral_vol  ? ? 
'X-RAY DIFFRACTION' ? 0.039 ? ? ? s_anti_bump_dis_restr  ? ? 
'X-RAY DIFFRACTION' ? 0.000 ? ? ? s_rigid_bond_adp_cmpnt ? ? 
'X-RAY DIFFRACTION' ? 0.084 ? ? ? s_similar_adp_cmpnt    ? ? 
'X-RAY DIFFRACTION' ? 0.000 ? ? ? s_approx_iso_adps      ? ? 
# 
_struct.entry_id                     6Y1S 
_struct.title                        'Bicyclic peptide bp70 in I4132 at 1.0 Angstrom resolution' 
_struct.pdbx_model_details           ? 
_struct.pdbx_formula_weight          ? 
_struct.pdbx_formula_weight_method   ? 
_struct.pdbx_model_type_details      ? 
_struct.pdbx_CASP_flag               N 
# 
_struct_keywords.entry_id        6Y1S 
_struct_keywords.text            'Antimicrobial, Bicyclic, Lectin, ANTIBIOTIC' 
_struct_keywords.pdbx_keywords   ANTIBIOTIC 
# 
_struct_asym.id                            A 
_struct_asym.pdbx_blank_PDB_chainid_flag   N 
_struct_asym.pdbx_modified                 N 
_struct_asym.entity_id                     1 
_struct_asym.details                       ? 
# 
_struct_ref.id                         1 
_struct_ref.db_name                    PDB 
_struct_ref.db_code                    6Y1S 
_struct_ref.pdbx_db_accession          6Y1S 
_struct_ref.pdbx_db_isoform            ? 
_struct_ref.entity_id                  1 
_struct_ref.pdbx_seq_one_letter_code   ? 
_struct_ref.pdbx_align_begin           1 
# 
_struct_ref_seq.align_id                      1 
_struct_ref_seq.ref_id                        1 
_struct_ref_seq.pdbx_PDB_id_code              6Y1S 
_struct_ref_seq.pdbx_strand_id                A 
_struct_ref_seq.seq_align_beg                 1 
_struct_ref_seq.pdbx_seq_align_beg_ins_code   ? 
_struct_ref_seq.seq_align_end                 13 
_struct_ref_seq.pdbx_seq_align_end_ins_code   ? 
_struct_ref_seq.pdbx_db_accession             6Y1S 
_struct_ref_seq.db_align_beg                  1 
_struct_ref_seq.pdbx_db_align_beg_ins_code    ? 
_struct_ref_seq.db_align_end                  13 
_struct_ref_seq.pdbx_db_align_end_ins_code    ? 
_struct_ref_seq.pdbx_auth_seq_align_beg       1 
_struct_ref_seq.pdbx_auth_seq_align_end       13 
# 
_pdbx_struct_assembly.id                   1 
_pdbx_struct_assembly.details              author_defined_assembly 
_pdbx_struct_assembly.method_details       ? 
_pdbx_struct_assembly.oligomeric_details   monomeric 
_pdbx_struct_assembly.oligomeric_count     1 
# 
loop_
_pdbx_struct_assembly_prop.biol_id 
_pdbx_struct_assembly_prop.type 
_pdbx_struct_assembly_prop.value 
_pdbx_struct_assembly_prop.details 
1 'ABSA (A^2)' 90   ? 
1 MORE         1    ? 
1 'SSA (A^2)'  1470 ? 
# 
_pdbx_struct_assembly_gen.assembly_id       1 
_pdbx_struct_assembly_gen.oper_expression   1 
_pdbx_struct_assembly_gen.asym_id_list      A 
# 
_pdbx_struct_assembly_auth_evidence.id                     1 
_pdbx_struct_assembly_auth_evidence.assembly_id            1 
_pdbx_struct_assembly_auth_evidence.experimental_support   'mass spectrometry' 
_pdbx_struct_assembly_auth_evidence.details                ? 
# 
_pdbx_struct_oper_list.id                   1 
_pdbx_struct_oper_list.type                 'identity operation' 
_pdbx_struct_oper_list.name                 1_555 
_pdbx_struct_oper_list.symmetry_operation   x,y,z 
_pdbx_struct_oper_list.matrix[1][1]         1.0000000000 
_pdbx_struct_oper_list.matrix[1][2]         0.0000000000 
_pdbx_struct_oper_list.matrix[1][3]         0.0000000000 
_pdbx_struct_oper_list.vector[1]            0.0000000000 
_pdbx_struct_oper_list.matrix[2][1]         0.0000000000 
_pdbx_struct_oper_list.matrix[2][2]         1.0000000000 
_pdbx_struct_oper_list.matrix[2][3]         0.0000000000 
_pdbx_struct_oper_list.vector[2]            0.0000000000 
_pdbx_struct_oper_list.matrix[3][1]         0.0000000000 
_pdbx_struct_oper_list.matrix[3][2]         0.0000000000 
_pdbx_struct_oper_list.matrix[3][3]         1.0000000000 
_pdbx_struct_oper_list.vector[3]            0.0000000000 
# 
_struct_conf.conf_type_id            HELX_P 
_struct_conf.id                      HELX_P1 
_struct_conf.pdbx_PDB_helix_id       AA1 
_struct_conf.beg_label_comp_id       ORN 
_struct_conf.beg_label_asym_id       A 
_struct_conf.beg_label_seq_id        3 
_struct_conf.pdbx_beg_PDB_ins_code   ? 
_struct_conf.end_label_comp_id       ALA 
_struct_conf.end_label_asym_id       A 
_struct_conf.end_label_seq_id        12 
_struct_conf.pdbx_end_PDB_ins_code   ? 
_struct_conf.beg_auth_comp_id        ORN 
_struct_conf.beg_auth_asym_id        A 
_struct_conf.beg_auth_seq_id         3 
_struct_conf.end_auth_comp_id        ALA 
_struct_conf.end_auth_asym_id        A 
_struct_conf.end_auth_seq_id         12 
_struct_conf.pdbx_PDB_helix_class    1 
_struct_conf.details                 ? 
_struct_conf.pdbx_PDB_helix_length   10 
# 
_struct_conf_type.id          HELX_P 
_struct_conf_type.criteria    ? 
_struct_conf_type.reference   ? 
# 
loop_
_struct_conn.id 
_struct_conn.conn_type_id 
_struct_conn.pdbx_leaving_atom_flag 
_struct_conn.pdbx_PDB_id 
_struct_conn.ptnr1_label_asym_id 
_struct_conn.ptnr1_label_comp_id 
_struct_conn.ptnr1_label_seq_id 
_struct_conn.ptnr1_label_atom_id 
_struct_conn.pdbx_ptnr1_label_alt_id 
_struct_conn.pdbx_ptnr1_PDB_ins_code 
_struct_conn.pdbx_ptnr1_standard_comp_id 
_struct_conn.ptnr1_symmetry 
_struct_conn.ptnr2_label_asym_id 
_struct_conn.ptnr2_label_comp_id 
_struct_conn.ptnr2_label_seq_id 
_struct_conn.ptnr2_label_atom_id 
_struct_conn.pdbx_ptnr2_label_alt_id 
_struct_conn.pdbx_ptnr2_PDB_ins_code 
_struct_conn.ptnr1_auth_asym_id 
_struct_conn.ptnr1_auth_comp_id 
_struct_conn.ptnr1_auth_seq_id 
_struct_conn.ptnr2_auth_asym_id 
_struct_conn.ptnr2_auth_comp_id 
_struct_conn.ptnr2_auth_seq_id 
_struct_conn.ptnr2_symmetry 
_struct_conn.pdbx_ptnr3_label_atom_id 
_struct_conn.pdbx_ptnr3_label_seq_id 
_struct_conn.pdbx_ptnr3_label_comp_id 
_struct_conn.pdbx_ptnr3_label_asym_id 
_struct_conn.pdbx_ptnr3_label_alt_id 
_struct_conn.pdbx_ptnr3_PDB_ins_code 
_struct_conn.details 
_struct_conn.pdbx_dist_value 
_struct_conn.pdbx_value_order 
_struct_conn.pdbx_role 
covale1 covale both ? A O65 1  CAJ ? ? ? 1_555 A HIS 2  N  ? ? A O65 1  A HIS 2  1_555 ? ? ? ? ? ? ? 1.348 ? ? 
covale2 covale one  ? A O65 1  CAH ? ? ? 1_555 A CYS 7  SG ? ? A O65 1  A CYS 7  1_555 ? ? ? ? ? ? ? 1.825 ? ? 
covale3 covale one  ? A O65 1  CAM ? ? ? 1_555 A CYS 10 SG ? ? A O65 1  A CYS 10 1_555 ? ? ? ? ? ? ? 1.857 ? ? 
covale4 covale both ? A HIS 2  C   ? ? ? 1_555 A ORN 3  N  ? ? A HIS 2  A ORN 3  1_555 ? ? ? ? ? ? ? 1.312 ? ? 
covale5 covale both ? A ORN 3  C   ? ? ? 1_555 A NLE 4  N  ? ? A ORN 3  A NLE 4  1_555 ? ? ? ? ? ? ? 1.342 ? ? 
covale6 covale both ? A NLE 4  C   ? ? ? 1_555 A TYR 5  N  ? ? A NLE 4  A TYR 5  1_555 ? ? ? ? ? ? ? 1.302 ? ? 
covale7 covale both ? A TYR 5  C   ? ? ? 1_555 A DAB 6  N  ? ? A TYR 5  A DAB 6  1_555 ? ? ? ? ? ? ? 1.355 ? ? 
covale8 covale both ? A DAB 6  C   ? ? ? 1_555 A CYS 7  N  ? ? A DAB 6  A CYS 7  1_555 ? ? ? ? ? ? ? 1.332 ? ? 
covale9 covale both ? A ALA 12 C   ? ? ? 1_555 A NH2 13 N  ? ? A ALA 12 A NH2 13 1_555 ? ? ? ? ? ? ? 1.346 ? ? 
# 
_struct_conn_type.id          covale 
_struct_conn_type.criteria    ? 
_struct_conn_type.reference   ? 
# 
loop_
_pdbx_validate_rmsd_angle.id 
_pdbx_validate_rmsd_angle.PDB_model_num 
_pdbx_validate_rmsd_angle.auth_atom_id_1 
_pdbx_validate_rmsd_angle.auth_asym_id_1 
_pdbx_validate_rmsd_angle.auth_comp_id_1 
_pdbx_validate_rmsd_angle.auth_seq_id_1 
_pdbx_validate_rmsd_angle.PDB_ins_code_1 
_pdbx_validate_rmsd_angle.label_alt_id_1 
_pdbx_validate_rmsd_angle.auth_atom_id_2 
_pdbx_validate_rmsd_angle.auth_asym_id_2 
_pdbx_validate_rmsd_angle.auth_comp_id_2 
_pdbx_validate_rmsd_angle.auth_seq_id_2 
_pdbx_validate_rmsd_angle.PDB_ins_code_2 
_pdbx_validate_rmsd_angle.label_alt_id_2 
_pdbx_validate_rmsd_angle.auth_atom_id_3 
_pdbx_validate_rmsd_angle.auth_asym_id_3 
_pdbx_validate_rmsd_angle.auth_comp_id_3 
_pdbx_validate_rmsd_angle.auth_seq_id_3 
_pdbx_validate_rmsd_angle.PDB_ins_code_3 
_pdbx_validate_rmsd_angle.label_alt_id_3 
_pdbx_validate_rmsd_angle.angle_value 
_pdbx_validate_rmsd_angle.angle_target_value 
_pdbx_validate_rmsd_angle.angle_deviation 
_pdbx_validate_rmsd_angle.angle_standard_deviation 
_pdbx_validate_rmsd_angle.linker_flag 
1 1 CA A HIS 2 ? ? CB A HIS 2 ? ? CG  A HIS 2 ? ? 127.03 113.60 13.43 1.70 N 
2 1 O  A DAB 6 ? ? C  A DAB 6 ? ? N   A CYS 7 ? ? 140.22 122.70 17.52 1.60 Y 
3 1 NE A ARG 9 ? ? CZ A ARG 9 ? ? NH1 A ARG 9 ? ? 123.83 120.30 3.53  0.50 N 
# 
_pdbx_phasing_MR.entry_id                     6Y1S 
_pdbx_phasing_MR.method_rotation              ? 
_pdbx_phasing_MR.method_translation           ? 
_pdbx_phasing_MR.model_details                ? 
_pdbx_phasing_MR.R_factor                     ? 
_pdbx_phasing_MR.R_rigid_body                 ? 
_pdbx_phasing_MR.correlation_coeff_Fo_to_Fc   ? 
_pdbx_phasing_MR.correlation_coeff_Io_to_Ic   ? 
_pdbx_phasing_MR.d_res_high_rotation          2.340 
_pdbx_phasing_MR.d_res_low_rotation           22.630 
_pdbx_phasing_MR.d_res_high_translation       2.340 
_pdbx_phasing_MR.d_res_low_translation        22.630 
_pdbx_phasing_MR.packing                      ? 
_pdbx_phasing_MR.reflns_percent_rotation      ? 
_pdbx_phasing_MR.reflns_percent_translation   ? 
_pdbx_phasing_MR.sigma_F_rotation             ? 
_pdbx_phasing_MR.sigma_F_translation          ? 
_pdbx_phasing_MR.sigma_I_rotation             ? 
_pdbx_phasing_MR.sigma_I_translation          ? 
# 
_phasing.method   MR 
# 
_pdbx_entry_details.entry_id                 6Y1S 
_pdbx_entry_details.nonpolymer_details       ? 
_pdbx_entry_details.sequence_details         ? 
_pdbx_entry_details.compound_details         ? 
_pdbx_entry_details.source_details           ? 
_pdbx_entry_details.has_ligand_of_interest   N 
# 
loop_
_chem_comp_atom.comp_id 
_chem_comp_atom.atom_id 
_chem_comp_atom.type_symbol 
_chem_comp_atom.pdbx_aromatic_flag 
_chem_comp_atom.pdbx_stereo_config 
_chem_comp_atom.pdbx_ordinal 
ALA N    N N N 1   
ALA CA   C N S 2   
ALA C    C N N 3   
ALA O    O N N 4   
ALA CB   C N N 5   
ALA OXT  O N N 6   
ALA H    H N N 7   
ALA H2   H N N 8   
ALA HA   H N N 9   
ALA HB1  H N N 10  
ALA HB2  H N N 11  
ALA HB3  H N N 12  
ALA HXT  H N N 13  
ARG N    N N N 14  
ARG CA   C N S 15  
ARG C    C N N 16  
ARG O    O N N 17  
ARG CB   C N N 18  
ARG CG   C N N 19  
ARG CD   C N N 20  
ARG NE   N N N 21  
ARG CZ   C N N 22  
ARG NH1  N N N 23  
ARG NH2  N N N 24  
ARG OXT  O N N 25  
ARG H    H N N 26  
ARG H2   H N N 27  
ARG HA   H N N 28  
ARG HB2  H N N 29  
ARG HB3  H N N 30  
ARG HG2  H N N 31  
ARG HG3  H N N 32  
ARG HD2  H N N 33  
ARG HD3  H N N 34  
ARG HE   H N N 35  
ARG HH11 H N N 36  
ARG HH12 H N N 37  
ARG HH21 H N N 38  
ARG HH22 H N N 39  
ARG HXT  H N N 40  
CYS N    N N N 41  
CYS CA   C N R 42  
CYS C    C N N 43  
CYS O    O N N 44  
CYS CB   C N N 45  
CYS SG   S N N 46  
CYS OXT  O N N 47  
CYS H    H N N 48  
CYS H2   H N N 49  
CYS HA   H N N 50  
CYS HB2  H N N 51  
CYS HB3  H N N 52  
CYS HG   H N N 53  
CYS HXT  H N N 54  
DAB N    N N N 55  
DAB CA   C N S 56  
DAB C    C N N 57  
DAB O    O N N 58  
DAB CB   C N N 59  
DAB CG   C N N 60  
DAB ND   N N N 61  
DAB OXT  O N N 62  
DAB H    H N N 63  
DAB H2   H N N 64  
DAB HA   H N N 65  
DAB HB2  H N N 66  
DAB HB3  H N N 67  
DAB HG2  H N N 68  
DAB HG3  H N N 69  
DAB HD1  H N N 70  
DAB HD2  H N N 71  
DAB HXT  H N N 72  
HIS N    N N N 73  
HIS CA   C N S 74  
HIS C    C N N 75  
HIS O    O N N 76  
HIS CB   C N N 77  
HIS CG   C Y N 78  
HIS ND1  N Y N 79  
HIS CD2  C Y N 80  
HIS CE1  C Y N 81  
HIS NE2  N Y N 82  
HIS OXT  O N N 83  
HIS H    H N N 84  
HIS H2   H N N 85  
HIS HA   H N N 86  
HIS HB2  H N N 87  
HIS HB3  H N N 88  
HIS HD1  H N N 89  
HIS HD2  H N N 90  
HIS HE1  H N N 91  
HIS HE2  H N N 92  
HIS HXT  H N N 93  
ILE N    N N N 94  
ILE CA   C N S 95  
ILE C    C N N 96  
ILE O    O N N 97  
ILE CB   C N S 98  
ILE CG1  C N N 99  
ILE CG2  C N N 100 
ILE CD1  C N N 101 
ILE OXT  O N N 102 
ILE H    H N N 103 
ILE H2   H N N 104 
ILE HA   H N N 105 
ILE HB   H N N 106 
ILE HG12 H N N 107 
ILE HG13 H N N 108 
ILE HG21 H N N 109 
ILE HG22 H N N 110 
ILE HG23 H N N 111 
ILE HD11 H N N 112 
ILE HD12 H N N 113 
ILE HD13 H N N 114 
ILE HXT  H N N 115 
NH2 N    N N N 116 
NH2 HN1  H N N 117 
NH2 HN2  H N N 118 
NLE N    N N N 119 
NLE CA   C N S 120 
NLE C    C N N 121 
NLE O    O N N 122 
NLE OXT  O N N 123 
NLE CB   C N N 124 
NLE CG   C N N 125 
NLE CD   C N N 126 
NLE CE   C N N 127 
NLE H    H N N 128 
NLE H2   H N N 129 
NLE HA   H N N 130 
NLE HXT  H N N 131 
NLE HB2  H N N 132 
NLE HB3  H N N 133 
NLE HG2  H N N 134 
NLE HG3  H N N 135 
NLE HD2  H N N 136 
NLE HD3  H N N 137 
NLE HE1  H N N 138 
NLE HE2  H N N 139 
NLE HE3  H N N 140 
O65 CAA  C N N 141 
O65 CAB  C Y N 142 
O65 CAC  C Y N 143 
O65 CAD  C Y N 144 
O65 CAE  C Y N 145 
O65 CAF  C Y N 146 
O65 CAG  C Y N 147 
O65 CAH  C N N 148 
O65 CAJ  C N N 149 
O65 CAM  C N N 150 
O65 OAK  O N N 151 
O65 O1   O N N 152 
O65 O2   O N N 153 
O65 H1   H N N 154 
O65 H2   H N N 155 
O65 H3   H N N 156 
O65 H4   H N N 157 
O65 H5   H N N 158 
O65 H6   H N N 159 
O65 H7   H N N 160 
O65 H9   H N N 161 
O65 H10  H N N 162 
O65 H11  H N N 163 
O65 H12  H N N 164 
O65 O3   O N N 165 
O65 H8   H N N 166 
ORN N    N N N 167 
ORN CA   C N S 168 
ORN CB   C N N 169 
ORN CG   C N N 170 
ORN CD   C N N 171 
ORN NE   N N N 172 
ORN C    C N N 173 
ORN O    O N N 174 
ORN OXT  O N N 175 
ORN H    H N N 176 
ORN H2   H N N 177 
ORN HA   H N N 178 
ORN HB2  H N N 179 
ORN HB3  H N N 180 
ORN HG2  H N N 181 
ORN HG3  H N N 182 
ORN HD2  H N N 183 
ORN HD3  H N N 184 
ORN HE1  H N N 185 
ORN HE2  H N N 186 
ORN HXT  H N N 187 
TYR N    N N N 188 
TYR CA   C N S 189 
TYR C    C N N 190 
TYR O    O N N 191 
TYR CB   C N N 192 
TYR CG   C Y N 193 
TYR CD1  C Y N 194 
TYR CD2  C Y N 195 
TYR CE1  C Y N 196 
TYR CE2  C Y N 197 
TYR CZ   C Y N 198 
TYR OH   O N N 199 
TYR OXT  O N N 200 
TYR H    H N N 201 
TYR H2   H N N 202 
TYR HA   H N N 203 
TYR HB2  H N N 204 
TYR HB3  H N N 205 
TYR HD1  H N N 206 
TYR HD2  H N N 207 
TYR HE1  H N N 208 
TYR HE2  H N N 209 
TYR HH   H N N 210 
TYR HXT  H N N 211 
# 
loop_
_chem_comp_bond.comp_id 
_chem_comp_bond.atom_id_1 
_chem_comp_bond.atom_id_2 
_chem_comp_bond.value_order 
_chem_comp_bond.pdbx_aromatic_flag 
_chem_comp_bond.pdbx_stereo_config 
_chem_comp_bond.pdbx_ordinal 
ALA N   CA   sing N N 1   
ALA N   H    sing N N 2   
ALA N   H2   sing N N 3   
ALA CA  C    sing N N 4   
ALA CA  CB   sing N N 5   
ALA CA  HA   sing N N 6   
ALA C   O    doub N N 7   
ALA C   OXT  sing N N 8   
ALA CB  HB1  sing N N 9   
ALA CB  HB2  sing N N 10  
ALA CB  HB3  sing N N 11  
ALA OXT HXT  sing N N 12  
ARG N   CA   sing N N 13  
ARG N   H    sing N N 14  
ARG N   H2   sing N N 15  
ARG CA  C    sing N N 16  
ARG CA  CB   sing N N 17  
ARG CA  HA   sing N N 18  
ARG C   O    doub N N 19  
ARG C   OXT  sing N N 20  
ARG CB  CG   sing N N 21  
ARG CB  HB2  sing N N 22  
ARG CB  HB3  sing N N 23  
ARG CG  CD   sing N N 24  
ARG CG  HG2  sing N N 25  
ARG CG  HG3  sing N N 26  
ARG CD  NE   sing N N 27  
ARG CD  HD2  sing N N 28  
ARG CD  HD3  sing N N 29  
ARG NE  CZ   sing N N 30  
ARG NE  HE   sing N N 31  
ARG CZ  NH1  sing N N 32  
ARG CZ  NH2  doub N N 33  
ARG NH1 HH11 sing N N 34  
ARG NH1 HH12 sing N N 35  
ARG NH2 HH21 sing N N 36  
ARG NH2 HH22 sing N N 37  
ARG OXT HXT  sing N N 38  
CYS N   CA   sing N N 39  
CYS N   H    sing N N 40  
CYS N   H2   sing N N 41  
CYS CA  C    sing N N 42  
CYS CA  CB   sing N N 43  
CYS CA  HA   sing N N 44  
CYS C   O    doub N N 45  
CYS C   OXT  sing N N 46  
CYS CB  SG   sing N N 47  
CYS CB  HB2  sing N N 48  
CYS CB  HB3  sing N N 49  
CYS SG  HG   sing N N 50  
CYS OXT HXT  sing N N 51  
DAB N   CA   sing N N 52  
DAB N   H    sing N N 53  
DAB N   H2   sing N N 54  
DAB CA  C    sing N N 55  
DAB CA  CB   sing N N 56  
DAB CA  HA   sing N N 57  
DAB C   O    doub N N 58  
DAB C   OXT  sing N N 59  
DAB CB  CG   sing N N 60  
DAB CB  HB2  sing N N 61  
DAB CB  HB3  sing N N 62  
DAB CG  ND   sing N N 63  
DAB CG  HG2  sing N N 64  
DAB CG  HG3  sing N N 65  
DAB ND  HD1  sing N N 66  
DAB ND  HD2  sing N N 67  
DAB OXT HXT  sing N N 68  
HIS N   CA   sing N N 69  
HIS N   H    sing N N 70  
HIS N   H2   sing N N 71  
HIS CA  C    sing N N 72  
HIS CA  CB   sing N N 73  
HIS CA  HA   sing N N 74  
HIS C   O    doub N N 75  
HIS C   OXT  sing N N 76  
HIS CB  CG   sing N N 77  
HIS CB  HB2  sing N N 78  
HIS CB  HB3  sing N N 79  
HIS CG  ND1  sing Y N 80  
HIS CG  CD2  doub Y N 81  
HIS ND1 CE1  doub Y N 82  
HIS ND1 HD1  sing N N 83  
HIS CD2 NE2  sing Y N 84  
HIS CD2 HD2  sing N N 85  
HIS CE1 NE2  sing Y N 86  
HIS CE1 HE1  sing N N 87  
HIS NE2 HE2  sing N N 88  
HIS OXT HXT  sing N N 89  
ILE N   CA   sing N N 90  
ILE N   H    sing N N 91  
ILE N   H2   sing N N 92  
ILE CA  C    sing N N 93  
ILE CA  CB   sing N N 94  
ILE CA  HA   sing N N 95  
ILE C   O    doub N N 96  
ILE C   OXT  sing N N 97  
ILE CB  CG1  sing N N 98  
ILE CB  CG2  sing N N 99  
ILE CB  HB   sing N N 100 
ILE CG1 CD1  sing N N 101 
ILE CG1 HG12 sing N N 102 
ILE CG1 HG13 sing N N 103 
ILE CG2 HG21 sing N N 104 
ILE CG2 HG22 sing N N 105 
ILE CG2 HG23 sing N N 106 
ILE CD1 HD11 sing N N 107 
ILE CD1 HD12 sing N N 108 
ILE CD1 HD13 sing N N 109 
ILE OXT HXT  sing N N 110 
NH2 N   HN1  sing N N 111 
NH2 N   HN2  sing N N 112 
NLE N   CA   sing N N 113 
NLE N   H    sing N N 114 
NLE N   H2   sing N N 115 
NLE CA  C    sing N N 116 
NLE CA  CB   sing N N 117 
NLE CA  HA   sing N N 118 
NLE C   O    doub N N 119 
NLE C   OXT  sing N N 120 
NLE OXT HXT  sing N N 121 
NLE CB  CG   sing N N 122 
NLE CB  HB2  sing N N 123 
NLE CB  HB3  sing N N 124 
NLE CG  CD   sing N N 125 
NLE CG  HG2  sing N N 126 
NLE CG  HG3  sing N N 127 
NLE CD  CE   sing N N 128 
NLE CD  HD2  sing N N 129 
NLE CD  HD3  sing N N 130 
NLE CE  HE1  sing N N 131 
NLE CE  HE2  sing N N 132 
NLE CE  HE3  sing N N 133 
O65 CAJ CAE  sing N N 134 
O65 CAJ OAK  doub N N 135 
O65 CAD CAE  doub Y N 136 
O65 CAD CAC  sing Y N 137 
O65 CAE CAF  sing Y N 138 
O65 CAM CAC  sing N N 139 
O65 CAC CAB  doub Y N 140 
O65 CAF CAG  doub Y N 141 
O65 CAB CAG  sing Y N 142 
O65 CAB CAA  sing N N 143 
O65 CAG CAH  sing N N 144 
O65 CAH O1   sing N N 145 
O65 CAM O2   sing N N 146 
O65 CAA H1   sing N N 147 
O65 CAA H2   sing N N 148 
O65 CAA H3   sing N N 149 
O65 CAD H4   sing N N 150 
O65 CAF H5   sing N N 151 
O65 CAH H6   sing N N 152 
O65 CAH H7   sing N N 153 
O65 CAM H9   sing N N 154 
O65 CAM H10  sing N N 155 
O65 O1  H11  sing N N 156 
O65 O2  H12  sing N N 157 
O65 CAJ O3   sing N N 158 
O65 O3  H8   sing N N 159 
ORN N   CA   sing N N 160 
ORN N   H    sing N N 161 
ORN N   H2   sing N N 162 
ORN CA  CB   sing N N 163 
ORN CA  C    sing N N 164 
ORN CA  HA   sing N N 165 
ORN CB  CG   sing N N 166 
ORN CB  HB2  sing N N 167 
ORN CB  HB3  sing N N 168 
ORN CG  CD   sing N N 169 
ORN CG  HG2  sing N N 170 
ORN CG  HG3  sing N N 171 
ORN CD  NE   sing N N 172 
ORN CD  HD2  sing N N 173 
ORN CD  HD3  sing N N 174 
ORN NE  HE1  sing N N 175 
ORN NE  HE2  sing N N 176 
ORN C   O    doub N N 177 
ORN C   OXT  sing N N 178 
ORN OXT HXT  sing N N 179 
TYR N   CA   sing N N 180 
TYR N   H    sing N N 181 
TYR N   H2   sing N N 182 
TYR CA  C    sing N N 183 
TYR CA  CB   sing N N 184 
TYR CA  HA   sing N N 185 
TYR C   O    doub N N 186 
TYR C   OXT  sing N N 187 
TYR CB  CG   sing N N 188 
TYR CB  HB2  sing N N 189 
TYR CB  HB3  sing N N 190 
TYR CG  CD1  doub Y N 191 
TYR CG  CD2  sing Y N 192 
TYR CD1 CE1  sing Y N 193 
TYR CD1 HD1  sing N N 194 
TYR CD2 CE2  doub Y N 195 
TYR CD2 HD2  sing N N 196 
TYR CE1 CZ   doub Y N 197 
TYR CE1 HE1  sing N N 198 
TYR CE2 CZ   sing Y N 199 
TYR CE2 HE2  sing N N 200 
TYR CZ  OH   sing N N 201 
TYR OH  HH   sing N N 202 
TYR OXT HXT  sing N N 203 
# 
_pdbx_audit_support.funding_organization   'Swiss National Science Foundation' 
_pdbx_audit_support.country                Switzerland 
_pdbx_audit_support.grant_number           ? 
_pdbx_audit_support.ordinal                1 
# 
_pdbx_initial_refinement_model.id               1 
_pdbx_initial_refinement_model.entity_id_list   ? 
_pdbx_initial_refinement_model.type             'experimental model' 
_pdbx_initial_refinement_model.source_name      PDB 
_pdbx_initial_refinement_model.accession_code   6Y13 
_pdbx_initial_refinement_model.details          ? 
# 
_atom_sites.entry_id                    6Y1S 
_atom_sites.Cartn_transf_matrix[1][1]   ? 
_atom_sites.Cartn_transf_matrix[1][2]   ? 
_atom_sites.Cartn_transf_matrix[1][3]   ? 
_atom_sites.Cartn_transf_matrix[2][1]   ? 
_atom_sites.Cartn_transf_matrix[2][2]   ? 
_atom_sites.Cartn_transf_matrix[2][3]   ? 
_atom_sites.Cartn_transf_matrix[3][1]   ? 
_atom_sites.Cartn_transf_matrix[3][2]   ? 
_atom_sites.Cartn_transf_matrix[3][3]   ? 
_atom_sites.Cartn_transf_vector[1]      ? 
_atom_sites.Cartn_transf_vector[2]      ? 
_atom_sites.Cartn_transf_vector[3]      ? 
_atom_sites.fract_transf_matrix[1][1]   -0.01050694 
_atom_sites.fract_transf_matrix[1][2]   -0.01335913 
_atom_sites.fract_transf_matrix[1][3]   0.00602119 
_atom_sites.fract_transf_matrix[2][1]   -0.00584742 
_atom_sites.fract_transf_matrix[2][2]   0.01061608 
_atom_sites.fract_transf_matrix[2][3]   0.01335003 
_atom_sites.fract_transf_matrix[3][1]   -0.01343610 
_atom_sites.fract_transf_matrix[3][2]   0.00582661 
_atom_sites.fract_transf_matrix[3][3]   -0.01051850 
_atom_sites.fract_transf_vector[1]      0.050429 
_atom_sites.fract_transf_vector[2]      -0.139421 
_atom_sites.fract_transf_vector[3]      -0.009855 
_atom_sites.solution_primary            ? 
_atom_sites.solution_secondary          ? 
_atom_sites.solution_hydrogens          ? 
_atom_sites.special_details             ? 
# 
loop_
_atom_type.symbol 
C 
H 
N 
O 
S 
# 
loop_
_atom_site.group_PDB 
_atom_site.id 
_atom_site.type_symbol 
_atom_site.label_atom_id 
_atom_site.label_alt_id 
_atom_site.label_comp_id 
_atom_site.label_asym_id 
_atom_site.label_entity_id 
_atom_site.label_seq_id 
_atom_site.pdbx_PDB_ins_code 
_atom_site.Cartn_x 
_atom_site.Cartn_y 
_atom_site.Cartn_z 
_atom_site.occupancy 
_atom_site.B_iso_or_equiv 
_atom_site.pdbx_formal_charge 
_atom_site.auth_seq_id 
_atom_site.auth_comp_id 
_atom_site.auth_asym_id 
_atom_site.auth_atom_id 
_atom_site.pdbx_PDB_model_num 
HETATM 1   C CAA  . O65 A 1 1  ? 3.245  4.233  1.874  1.00 22.49 ? 1  O65 A CAA  1 
HETATM 2   C CAB  . O65 A 1 1  ? 2.249  3.451  2.785  1.00 14.34 ? 1  O65 A CAB  1 
HETATM 3   C CAC  . O65 A 1 1  ? 0.948  3.880  3.019  1.00 17.98 ? 1  O65 A CAC  1 
HETATM 4   C CAD  . O65 A 1 1  ? 0.118  3.152  3.864  1.00 18.88 ? 1  O65 A CAD  1 
HETATM 5   C CAE  . O65 A 1 1  ? 0.590  1.996  4.475  1.00 21.41 ? 1  O65 A CAE  1 
HETATM 6   C CAF  . O65 A 1 1  ? 1.891  1.567  4.241  1.00 17.65 ? 1  O65 A CAF  1 
HETATM 7   C CAG  . O65 A 1 1  ? 2.720  2.295  3.396  1.00 19.63 ? 1  O65 A CAG  1 
HETATM 8   C CAH  . O65 A 1 1  ? 4.074  1.542  3.343  1.00 22.77 ? 1  O65 A CAH  1 
HETATM 9   C CAJ  . O65 A 1 1  ? -0.099 1.366  5.215  1.00 24.05 ? 1  O65 A CAJ  1 
HETATM 10  C CAM  . O65 A 1 1  ? 0.133  4.973  2.382  1.00 20.42 ? 1  O65 A CAM  1 
HETATM 11  H H1   . O65 A 1 1  ? 4.038  4.444  2.373  1.00 33.74 ? 1  O65 A H1   1 
HETATM 12  H H2   . O65 A 1 1  ? 2.832  5.045  1.571  1.00 33.74 ? 1  O65 A H2   1 
HETATM 13  H H3   . O65 A 1 1  ? 3.479  3.691  1.117  1.00 33.74 ? 1  O65 A H3   1 
HETATM 14  H H4   . O65 A 1 1  ? -0.753 3.439  4.021  1.00 22.65 ? 1  O65 A H4   1 
HETATM 15  H H5   . O65 A 1 1  ? 2.207  0.794  4.648  1.00 21.18 ? 1  O65 A H5   1 
HETATM 16  H H6   . O65 A 1 1  ? 4.208  0.987  4.127  1.00 27.33 ? 1  O65 A H6   1 
HETATM 17  H H7   . O65 A 1 1  ? 4.822  2.151  3.246  1.00 27.33 ? 1  O65 A H7   1 
HETATM 18  H H9   . O65 A 1 1  ? -0.597 5.231  2.965  1.00 24.51 ? 1  O65 A H9   1 
HETATM 19  O O3   . O65 A 1 1  ? -1.242 1.738  5.064  1.00 26.13 ? 1  O65 A O3   1 
HETATM 20  H H10  . O65 A 1 1  ? 0.687  5.752  2.217  1.00 24.51 ? 1  O65 A H10  1 
ATOM   21  N N    . HIS A 1 2  ? 0.074  0.575  6.293  1.00 26.39 ? 2  HIS A N    1 
ATOM   22  C CA   . HIS A 1 2  ? -0.332 -0.117 7.479  1.00 22.97 ? 2  HIS A CA   1 
ATOM   23  C C    . HIS A 1 2  ? -0.631 -1.610 7.237  1.00 22.87 ? 2  HIS A C    1 
ATOM   24  O O    . HIS A 1 2  ? -0.588 -2.472 8.132  1.00 19.05 ? 2  HIS A O    1 
ATOM   25  C CB   . HIS A 1 2  ? -1.573 0.527  8.016  1.00 21.64 ? 2  HIS A CB   1 
ATOM   26  C CG   . HIS A 1 2  ? -1.662 1.783  8.776  1.00 20.49 ? 2  HIS A CG   1 
ATOM   27  N ND1  . HIS A 1 2  ? -0.751 2.316  9.659  1.00 24.91 ? 2  HIS A ND1  1 
ATOM   28  C CD2  . HIS A 1 2  ? -2.706 2.652  8.747  1.00 22.28 ? 2  HIS A CD2  1 
ATOM   29  C CE1  . HIS A 1 2  ? -1.217 3.477  10.141 1.00 21.93 ? 2  HIS A CE1  1 
ATOM   30  N NE2  . HIS A 1 2  ? -2.403 3.664  9.600  1.00 20.11 ? 2  HIS A NE2  1 
ATOM   31  H H    . HIS A 1 2  ? 0.907  0.366  6.234  1.00 31.67 ? 2  HIS A H    1 
ATOM   32  H HA   . HIS A 1 2  ? 0.379  -0.042 8.150  1.00 27.56 ? 2  HIS A HA   1 
ATOM   33  H HB2  . HIS A 1 2  ? -2.157 0.645  7.250  1.00 25.97 ? 2  HIS A HB2  1 
ATOM   34  H HB3  . HIS A 1 2  ? -1.995 -0.145 8.573  1.00 25.97 ? 2  HIS A HB3  1 
ATOM   35  H HD2  . HIS A 1 2  ? -3.481 2.568  8.241  1.00 26.73 ? 2  HIS A HD2  1 
ATOM   36  H HE1  . HIS A 1 2  ? -0.787 4.042  10.742 1.00 26.32 ? 2  HIS A HE1  1 
ATOM   37  H HE2  . HIS A 1 2  ? -2.979 4.295  9.848  1.00 21.22 ? 2  HIS A HE2  1 
HETATM 38  N N    . ORN A 1 3  ? -0.986 -1.868 6.000  1.00 22.35 ? 3  ORN A N    1 
HETATM 39  C CA   . ORN A 1 3  ? -1.646 -3.175 5.583  1.00 18.20 ? 3  ORN A CA   1 
HETATM 40  C CB   . ORN A 1 3  ? -3.046 -2.487 5.561  1.00 19.03 ? 3  ORN A CB   1 
HETATM 41  C CG   . ORN A 1 3  ? -4.021 -3.358 4.724  1.00 24.49 ? 3  ORN A CG   1 
HETATM 42  C CD   . ORN A 1 3  ? -5.502 -2.998 4.888  1.00 24.67 ? 3  ORN A CD   1 
HETATM 43  N NE   . ORN A 1 3  ? -5.948 -3.773 3.738  1.00 31.13 ? 3  ORN A NE   1 
HETATM 44  C C    . ORN A 1 3  ? -0.753 -3.225 4.499  1.00 17.50 ? 3  ORN A C    1 
HETATM 45  O O    . ORN A 1 3  ? -0.861 -2.096 3.893  1.00 17.58 ? 3  ORN A O    1 
HETATM 46  H H    . ORN A 1 3  ? -0.837 -1.272 5.398  1.00 26.82 ? 3  ORN A H    1 
HETATM 47  H HA   . ORN A 1 3  ? -1.555 -3.908 6.227  1.00 21.84 ? 3  ORN A HA   1 
HETATM 48  H HB2  . ORN A 1 3  ? -3.382 -2.392 6.466  1.00 22.84 ? 3  ORN A HB2  1 
HETATM 49  H HB3  . ORN A 1 3  ? -2.973 -1.603 5.169  1.00 22.84 ? 3  ORN A HB3  1 
HETATM 50  H HG2  . ORN A 1 3  ? -3.783 -3.275 3.787  1.00 29.39 ? 3  ORN A HG2  1 
HETATM 51  H HG3  . ORN A 1 3  ? -3.898 -4.287 4.975  1.00 29.39 ? 3  ORN A HG3  1 
HETATM 52  H HD2  . ORN A 1 3  ? -5.876 -3.318 5.723  1.00 29.61 ? 3  ORN A HD2  1 
HETATM 53  H HD3  . ORN A 1 3  ? -5.670 -2.047 4.788  1.00 29.61 ? 3  ORN A HD3  1 
HETATM 54  H HE1  . ORN A 1 3  ? -5.567 -4.577 3.756  1.00 37.35 ? 3  ORN A HE1  1 
HETATM 55  H HE2  . ORN A 1 3  ? -5.717 -3.351 2.988  1.00 37.35 ? 3  ORN A HE2  1 
HETATM 56  H HE3  . ORN A 1 3  ? -6.833 -3.863 3.766  1.00 37.35 ? 3  ORN A HE3  1 
HETATM 57  N N    . NLE A 1 4  ? -0.107 -4.279 3.978  1.00 16.09 ? 4  NLE A N    1 
HETATM 58  C CA   . NLE A 1 4  ? 0.696  -4.158 2.897  1.00 16.40 ? 4  NLE A CA   1 
HETATM 59  C C    . NLE A 1 4  ? -0.022 -3.759 1.553  1.00 17.04 ? 4  NLE A C    1 
HETATM 60  O O    . NLE A 1 4  ? 0.454  -2.986 0.751  1.00 20.33 ? 4  NLE A O    1 
HETATM 61  C CB   . NLE A 1 4  ? 1.173  -5.753 2.546  1.00 18.15 ? 4  NLE A CB   1 
HETATM 62  C CG   . NLE A 1 4  ? 1.846  -5.517 1.327  1.00 17.32 ? 4  NLE A CG   1 
HETATM 63  C CD   . NLE A 1 4  ? 3.103  -6.250 1.081  1.00 20.46 ? 4  NLE A CD   1 
HETATM 64  C CE   . NLE A 1 4  ? 3.528  -6.746 -0.073 1.00 19.32 ? 4  NLE A CE   1 
HETATM 65  H H    . NLE A 1 4  ? -0.207 -5.052 4.341  1.00 19.31 ? 4  NLE A H    1 
HETATM 66  H HA   . NLE A 1 4  ? 1.467  -3.582 3.082  1.00 19.68 ? 4  NLE A HA   1 
HETATM 67  H HB2  . NLE A 1 4  ? 1.765  -6.113 3.224  1.00 21.78 ? 4  NLE A HB2  1 
HETATM 68  H HB3  . NLE A 1 4  ? 0.412  -6.343 2.431  1.00 21.78 ? 4  NLE A HB3  1 
HETATM 69  H HG2  . NLE A 1 4  ? 2.040  -4.568 1.273  1.00 20.78 ? 4  NLE A HG2  1 
HETATM 70  H HG3  . NLE A 1 4  ? 1.235  -5.726 0.604  1.00 20.78 ? 4  NLE A HG3  1 
HETATM 71  H HD2  . NLE A 1 4  ? 3.811  -5.661 1.386  1.00 24.55 ? 4  NLE A HD2  1 
HETATM 72  H HD3  . NLE A 1 4  ? 3.093  -6.998 1.697  1.00 24.55 ? 4  NLE A HD3  1 
HETATM 73  H HE1  . NLE A 1 4  ? 4.373  -7.183 0.058  1.00 28.97 ? 4  NLE A HE1  1 
HETATM 74  H HE2  . NLE A 1 4  ? 3.630  -6.035 -0.709 1.00 28.97 ? 4  NLE A HE2  1 
HETATM 75  H HE3  . NLE A 1 4  ? 2.887  -7.381 -0.402 1.00 28.97 ? 4  NLE A HE3  1 
ATOM   76  N N    . TYR A 1 5  ? -1.265 -4.116 1.406  1.00 17.36 ? 5  TYR A N    1 
ATOM   77  C CA   . TYR A 1 5  ? -2.209 -3.802 0.336  1.00 23.06 ? 5  TYR A CA   1 
ATOM   78  C C    . TYR A 1 5  ? -2.433 -2.301 0.323  1.00 24.65 ? 5  TYR A C    1 
ATOM   79  O O    . TYR A 1 5  ? -2.558 -1.562 -0.637 1.00 23.98 ? 5  TYR A O    1 
ATOM   80  C CB   . TYR A 1 5  ? -3.486 -4.619 0.547  1.00 33.49 ? 5  TYR A CB   1 
ATOM   81  C CG   . TYR A 1 5  ? -4.485 -4.450 -0.571 1.00 34.57 ? 5  TYR A CG   1 
ATOM   82  C CD1  . TYR A 1 5  ? -4.514 -5.337 -1.640 1.00 30.30 ? 5  TYR A CD1  1 
ATOM   83  C CD2  . TYR A 1 5  ? -5.406 -3.401 -0.537 1.00 32.81 ? 5  TYR A CD2  1 
ATOM   84  C CE1  . TYR A 1 5  ? -5.449 -5.153 -2.630 1.00 26.20 ? 5  TYR A CE1  1 
ATOM   85  C CE2  . TYR A 1 5  ? -6.334 -3.224 -1.525 1.00 31.03 ? 5  TYR A CE2  1 
ATOM   86  C CZ   . TYR A 1 5  ? -6.349 -4.113 -2.581 1.00 29.65 ? 5  TYR A CZ   1 
ATOM   87  O OH   . TYR A 1 5  ? -7.275 -3.914 -3.590 1.00 40.89 ? 5  TYR A OH   1 
ATOM   88  H H    . TYR A 1 5  ? -1.578 -4.613 2.035  1.00 20.84 ? 5  TYR A H    1 
ATOM   89  H HA   . TYR A 1 5  ? -1.809 -4.064 -0.519 1.00 27.67 ? 5  TYR A HA   1 
ATOM   90  H HB2  . TYR A 1 5  ? -3.251 -5.557 0.622  1.00 40.19 ? 5  TYR A HB2  1 
ATOM   91  H HB3  . TYR A 1 5  ? -3.899 -4.349 1.382  1.00 40.19 ? 5  TYR A HB3  1 
ATOM   92  H HD1  . TYR A 1 5  ? -3.911 -6.044 -1.684 1.00 36.36 ? 5  TYR A HD1  1 
ATOM   93  H HD2  . TYR A 1 5  ? -5.387 -2.807 0.178  1.00 39.37 ? 5  TYR A HD2  1 
ATOM   94  H HE1  . TYR A 1 5  ? -5.474 -5.743 -3.348 1.00 31.44 ? 5  TYR A HE1  1 
ATOM   95  H HE2  . TYR A 1 5  ? -6.941 -2.520 -1.487 1.00 37.24 ? 5  TYR A HE2  1 
ATOM   96  H HH   . TYR A 1 5  ? -6.885 -3.717 -4.284 1.00 61.33 ? 5  TYR A HH   1 
HETATM 97  N N    . DAB A 1 6  ? -2.496 -1.714 1.542  1.00 20.49 ? 6  DAB A N    1 
HETATM 98  C CA   . DAB A 1 6  ? -2.523 -0.353 1.547  1.00 18.58 ? 6  DAB A CA   1 
HETATM 99  C C    . DAB A 1 6  ? -1.136 0.414  0.979  1.00 18.42 ? 6  DAB A C    1 
HETATM 100 O O    . DAB A 1 6  ? -1.346 1.156  0.283  1.00 21.67 ? 6  DAB A O    1 
HETATM 101 C CB   . DAB A 1 6  ? -2.574 0.375  2.930  1.00 25.05 ? 6  DAB A CB   1 
HETATM 102 C CG   . DAB A 1 6  ? -3.534 1.605  2.895  1.00 30.57 ? 6  DAB A CG   1 
HETATM 103 N ND   . DAB A 1 6  ? -3.682 2.997  3.064  1.00 23.68 ? 6  DAB A ND   1 
HETATM 104 H H    . DAB A 1 6  ? -2.519 -2.172 2.270  1.00 24.58 ? 6  DAB A H    1 
HETATM 105 H HA   . DAB A 1 6  ? -3.286 -0.055 1.009  1.00 22.29 ? 6  DAB A HA   1 
HETATM 106 H HB2  . DAB A 1 6  ? -1.681 0.672  3.170  1.00 30.07 ? 6  DAB A HB2  1 
HETATM 107 H HB3  . DAB A 1 6  ? -2.874 -0.247 3.610  1.00 30.07 ? 6  DAB A HB3  1 
HETATM 108 H HG2  . DAB A 1 6  ? -3.907 1.502  2.006  1.00 36.69 ? 6  DAB A HG2  1 
HETATM 109 H HG3  . DAB A 1 6  ? -4.236 1.288  3.485  1.00 36.69 ? 6  DAB A HG3  1 
HETATM 110 H HD1  . DAB A 1 6  ? -3.034 3.420  2.623  1.00 28.42 ? 6  DAB A HD1  1 
HETATM 111 H HD2  . DAB A 1 6  ? -3.632 3.198  3.930  1.00 28.42 ? 6  DAB A HD2  1 
HETATM 112 H HD3  . DAB A 1 6  ? -4.472 3.252  2.745  1.00 28.42 ? 6  DAB A HD3  1 
ATOM   113 N N    . CYS A 1 7  ? -0.098 -0.146 1.597  1.00 22.01 ? 7  CYS A N    1 
ATOM   114 C CA   . CYS A 1 7  ? 1.201  0.266  1.186  1.00 19.67 ? 7  CYS A CA   1 
ATOM   115 C C    . CYS A 1 7  ? 1.397  0.328  -0.332 1.00 22.08 ? 7  CYS A C    1 
ATOM   116 O O    . CYS A 1 7  ? 1.564  1.444  -0.799 1.00 20.54 ? 7  CYS A O    1 
ATOM   117 C CB   . CYS A 1 7  ? 2.339  -0.570 1.779  1.00 17.62 ? 7  CYS A CB   1 
ATOM   118 S SG   . CYS A 1 7  ? 3.820  0.538  1.840  1.00 19.26 ? 7  CYS A SG   1 
ATOM   119 H H    . CYS A 1 7  ? -0.207 -0.731 2.217  1.00 26.41 ? 7  CYS A H    1 
ATOM   120 H HA   . CYS A 1 7  ? 1.322  1.180  1.520  1.00 23.61 ? 7  CYS A HA   1 
ATOM   121 H HB2  . CYS A 1 7  ? 2.106  -0.875 2.669  1.00 21.14 ? 7  CYS A HB2  1 
ATOM   122 H HB3  . CYS A 1 7  ? 2.516  -1.343 1.223  1.00 21.14 ? 7  CYS A HB3  1 
ATOM   123 N N    . ILE A 1 8  ? 1.405  -0.775 -1.025 1.00 20.28 ? 8  ILE A N    1 
ATOM   124 C CA   . ILE A 1 8  ? 1.458  -0.871 -2.480 1.00 19.87 ? 8  ILE A CA   1 
ATOM   125 C C    . ILE A 1 8  ? 0.634  0.200  -3.201 1.00 16.07 ? 8  ILE A C    1 
ATOM   126 O O    . ILE A 1 8  ? 1.269  0.911  -3.999 1.00 22.10 ? 8  ILE A O    1 
ATOM   127 C CB   . ILE A 1 8  ? 1.018  -2.273 -2.992 1.00 18.11 ? 8  ILE A CB   1 
ATOM   128 C CG1  . ILE A 1 8  ? 1.960  -3.445 -2.693 1.00 19.04 ? 8  ILE A CG1  1 
ATOM   129 C CG2  . ILE A 1 8  ? 0.776  -2.234 -4.527 1.00 33.60 ? 8  ILE A CG2  1 
ATOM   130 C CD1  . ILE A 1 8  ? 1.322  -4.417 -1.726 1.00 23.31 ? 8  ILE A CD1  1 
ATOM   131 H H    . ILE A 1 8  ? 1.375  -1.513 -0.585 1.00 24.34 ? 8  ILE A H    1 
ATOM   132 H HA   . ILE A 1 8  ? 2.393  -0.747 -2.745 1.00 23.85 ? 8  ILE A HA   1 
ATOM   133 H HB   . ILE A 1 8  ? 0.157  -2.479 -2.569 1.00 21.73 ? 8  ILE A HB   1 
ATOM   134 H HG12 . ILE A 1 8  ? 2.175  -3.905 -3.518 1.00 22.85 ? 8  ILE A HG12 1 
ATOM   135 H HG13 . ILE A 1 8  ? 2.786  -3.107 -2.313 1.00 22.85 ? 8  ILE A HG13 1 
ATOM   136 H HG21 . ILE A 1 8  ? 0.464  -1.363 -4.780 1.00 50.39 ? 8  ILE A HG21 1 
ATOM   137 H HG22 . ILE A 1 8  ? 0.118  -2.891 -4.764 1.00 50.39 ? 8  ILE A HG22 1 
ATOM   138 H HG23 . ILE A 1 8  ? 1.598  -2.425 -4.985 1.00 50.39 ? 8  ILE A HG23 1 
ATOM   139 H HD11 . ILE A 1 8  ? 2.000  -4.806 -1.169 1.00 34.97 ? 8  ILE A HD11 1 
ATOM   140 H HD12 . ILE A 1 8  ? 0.874  -5.110 -2.217 1.00 34.97 ? 8  ILE A HD12 1 
ATOM   141 H HD13 . ILE A 1 8  ? 0.685  -3.952 -1.178 1.00 34.97 ? 8  ILE A HD13 1 
ATOM   142 N N    . ARG A 1 9  ? -0.655 0.366  -2.889 1.00 17.56 ? 9  ARG A N    1 
ATOM   143 C CA   . ARG A 1 9  ? -1.528 1.384  -3.407 1.00 20.34 ? 9  ARG A CA   1 
ATOM   144 C C    . ARG A 1 9  ? -0.757 2.704  -3.327 1.00 18.13 ? 9  ARG A C    1 
ATOM   145 O O    . ARG A 1 9  ? -0.789 3.409  -4.304 1.00 16.91 ? 9  ARG A O    1 
ATOM   146 C CB   . ARG A 1 9  ? -2.862 1.627  -2.677 1.00 22.44 ? 9  ARG A CB   1 
ATOM   147 C CG   . ARG A 1 9  ? -3.999 1.860  -3.661 1.00 23.99 ? 9  ARG A CG   1 
ATOM   148 C CD   . ARG A 1 9  ? -5.361 2.079  -3.103 1.00 25.34 ? 9  ARG A CD   1 
ATOM   149 N NE   . ARG A 1 9  ? -6.482 1.691  -3.948 1.00 31.21 ? 9  ARG A NE   1 
ATOM   150 C CZ   . ARG A 1 9  ? -6.929 2.439  -4.945 1.00 21.51 ? 9  ARG A CZ   1 
ATOM   151 N NH1  . ARG A 1 9  ? -6.417 3.587  -5.274 1.00 21.05 ? 9  ARG A NH1  1 
ATOM   152 N NH2  . ARG A 1 9  ? -7.962 2.086  -5.721 1.00 29.60 ? 9  ARG A NH2  1 
ATOM   153 H H    . ARG A 1 9  ? -0.995 -0.187 -2.324 1.00 21.07 ? 9  ARG A H    1 
ATOM   154 H HA   . ARG A 1 9  ? -1.717 1.187  -4.348 1.00 24.40 ? 9  ARG A HA   1 
ATOM   155 H HB2  . ARG A 1 9  ? -3.069 0.859  -2.122 1.00 26.92 ? 9  ARG A HB2  1 
ATOM   156 H HB3  . ARG A 1 9  ? -2.775 2.401  -2.098 1.00 26.92 ? 9  ARG A HB3  1 
ATOM   157 H HG2  . ARG A 1 9  ? -3.771 2.632  -4.203 1.00 28.79 ? 9  ARG A HG2  1 
ATOM   158 H HG3  . ARG A 1 9  ? -4.040 1.095  -4.255 1.00 28.79 ? 9  ARG A HG3  1 
ATOM   159 H HD2  . ARG A 1 9  ? -5.428 1.589  -2.268 1.00 30.41 ? 9  ARG A HD2  1 
ATOM   160 H HD3  . ARG A 1 9  ? -5.454 3.022  -2.894 1.00 30.41 ? 9  ARG A HD3  1 
ATOM   161 H HE   . ARG A 1 9  ? -6.871 0.940  -3.793 1.00 37.45 ? 9  ARG A HE   1 
ATOM   162 H HH11 . ARG A 1 9  ? -5.747 3.901  -4.835 1.00 25.27 ? 9  ARG A HH11 1 
ATOM   163 H HH12 . ARG A 1 9  ? -6.746 4.034  -5.931 1.00 25.27 ? 9  ARG A HH12 1 
ATOM   164 H HH21 . ARG A 1 9  ? -8.219 2.603  -6.358 1.00 35.51 ? 9  ARG A HH21 1 
ATOM   165 H HH22 . ARG A 1 9  ? -8.369 1.340  -5.581 1.00 35.51 ? 9  ARG A HH22 1 
ATOM   166 N N    . CYS A 1 10 ? -0.170 2.889  -2.139 1.00 21.93 ? 10 CYS A N    1 
ATOM   167 C CA   . CYS A 1 10 ? 0.398  4.185  -1.888 1.00 18.55 ? 10 CYS A CA   1 
ATOM   168 C C    . CYS A 1 10 ? 1.515  4.505  -2.886 1.00 15.49 ? 10 CYS A C    1 
ATOM   169 O O    . CYS A 1 10 ? 1.568  5.624  -3.395 1.00 18.47 ? 10 CYS A O    1 
ATOM   170 C CB   . CYS A 1 10 ? 0.833  4.278  -0.415 1.00 17.56 ? 10 CYS A CB   1 
ATOM   171 S SG   . CYS A 1 10 ? -0.529 4.305  0.781  1.00 23.30 ? 10 CYS A SG   1 
ATOM   172 H H    . CYS A 1 10 ? -0.135 2.262  -1.553 1.00 26.31 ? 10 CYS A H    1 
ATOM   173 H HA   . CYS A 1 10 ? -0.313 4.847  -2.025 1.00 22.26 ? 10 CYS A HA   1 
ATOM   174 H HB2  . CYS A 1 10 ? 1.406  3.521  -0.215 1.00 21.07 ? 10 CYS A HB2  1 
ATOM   175 H HB3  . CYS A 1 10 ? 1.362  5.083  -0.300 1.00 21.07 ? 10 CYS A HB3  1 
ATOM   176 N N    . TYR A 1 11 ? 2.399  3.551  -3.176 1.00 15.69 ? 11 TYR A N    1 
ATOM   177 C CA   . TYR A 1 11 ? 3.409  3.887  -4.170 1.00 19.45 ? 11 TYR A CA   1 
ATOM   178 C C    . TYR A 1 11 ? 2.879  3.662  -5.596 1.00 15.81 ? 11 TYR A C    1 
ATOM   179 O O    . TYR A 1 11 ? 3.646  4.191  -6.410 1.00 20.88 ? 11 TYR A O    1 
ATOM   180 C CB   . TYR A 1 11 ? 4.638  3.093  -3.824 1.00 20.03 ? 11 TYR A CB   1 
ATOM   181 C CG   . TYR A 1 11 ? 5.353  3.473  -2.547 1.00 19.95 ? 11 TYR A CG   1 
ATOM   182 C CD1  . TYR A 1 11 ? 5.327  4.750  -1.989 1.00 20.79 ? 11 TYR A CD1  1 
ATOM   183 C CD2  . TYR A 1 11 ? 6.095  2.522  -1.862 1.00 23.08 ? 11 TYR A CD2  1 
ATOM   184 C CE1  . TYR A 1 11 ? 6.010  5.032  -0.800 1.00 19.12 ? 11 TYR A CE1  1 
ATOM   185 C CE2  . TYR A 1 11 ? 6.785  2.777  -0.700 1.00 23.82 ? 11 TYR A CE2  1 
ATOM   186 C CZ   . TYR A 1 11 ? 6.748  4.067  -0.155 1.00 25.82 ? 11 TYR A CZ   1 
ATOM   187 O OH   . TYR A 1 11 ? 7.460  4.259  1.020  1.00 33.15 ? 11 TYR A OH   1 
ATOM   188 H H    . TYR A 1 11 ? 2.375  2.781  -2.797 1.00 18.83 ? 11 TYR A H    1 
ATOM   189 H HA   . TYR A 1 11 ? 3.626  4.838  -4.073 1.00 23.34 ? 11 TYR A HA   1 
ATOM   190 H HB2  . TYR A 1 11 ? 4.385  2.158  -3.763 1.00 24.04 ? 11 TYR A HB2  1 
ATOM   191 H HB3  . TYR A 1 11 ? 5.267  3.175  -4.559 1.00 24.04 ? 11 TYR A HB3  1 
ATOM   192 H HD1  . TYR A 1 11 ? 4.849  5.425  -2.414 1.00 24.95 ? 11 TYR A HD1  1 
ATOM   193 H HD2  . TYR A 1 11 ? 6.128  1.660  -2.211 1.00 27.69 ? 11 TYR A HD2  1 
ATOM   194 H HE1  . TYR A 1 11 ? 5.964  5.888  -0.441 1.00 22.95 ? 11 TYR A HE1  1 
ATOM   195 H HE2  . TYR A 1 11 ? 7.270  2.102  -0.282 1.00 28.58 ? 11 TYR A HE2  1 
ATOM   196 H HH   . TYR A 1 11 ? 7.068  4.804  1.491  1.00 49.73 ? 11 TYR A HH   1 
ATOM   197 N N    . ALA A 1 12 ? 1.744  3.003  -5.808 1.00 19.65 ? 12 ALA A N    1 
ATOM   198 C CA   . ALA A 1 12 ? 1.078  2.753  -7.085 1.00 21.51 ? 12 ALA A CA   1 
ATOM   199 C C    . ALA A 1 12 ? 0.327  3.985  -7.668 1.00 21.73 ? 12 ALA A C    1 
ATOM   200 O O    . ALA A 1 12 ? 0.044  4.159  -8.864 1.00 22.01 ? 12 ALA A O    1 
ATOM   201 C CB   . ALA A 1 12 ? 0.032  1.644  -6.999 1.00 19.02 ? 12 ALA A CB   1 
ATOM   202 H H    . ALA A 1 12 ? 1.354  2.686  -5.110 1.00 23.58 ? 12 ALA A H    1 
ATOM   203 H HA   . ALA A 1 12 ? 1.759  2.479  -7.733 1.00 25.81 ? 12 ALA A HA   1 
ATOM   204 H HB1  . ALA A 1 12 ? 0.008  1.297  -6.105 1.00 28.53 ? 12 ALA A HB1  1 
ATOM   205 H HB2  . ALA A 1 12 ? 0.259  0.941  -7.611 1.00 28.53 ? 12 ALA A HB2  1 
ATOM   206 H HB3  . ALA A 1 12 ? -0.831 2.000  -7.227 1.00 28.53 ? 12 ALA A HB3  1 
HETATM 207 N N    . NH2 A 1 13 ? 0.001  4.812  -6.657 1.00 27.40 ? 13 NH2 A N    1 
HETATM 208 H HN1  . NH2 A 1 13 ? -0.443 5.532  -6.816 1.00 32.88 ? 13 NH2 A HN1  1 
HETATM 209 H HN2  . NH2 A 1 13 ? 0.235  4.621  -5.852 1.00 32.88 ? 13 NH2 A HN2  1 
# 
loop_
_atom_site_anisotrop.id 
_atom_site_anisotrop.type_symbol 
_atom_site_anisotrop.pdbx_label_atom_id 
_atom_site_anisotrop.pdbx_label_alt_id 
_atom_site_anisotrop.pdbx_label_comp_id 
_atom_site_anisotrop.pdbx_label_asym_id 
_atom_site_anisotrop.pdbx_label_seq_id 
_atom_site_anisotrop.pdbx_PDB_ins_code 
_atom_site_anisotrop.U[1][1] 
_atom_site_anisotrop.U[2][2] 
_atom_site_anisotrop.U[3][3] 
_atom_site_anisotrop.U[1][2] 
_atom_site_anisotrop.U[1][3] 
_atom_site_anisotrop.U[2][3] 
_atom_site_anisotrop.pdbx_auth_seq_id 
_atom_site_anisotrop.pdbx_auth_comp_id 
_atom_site_anisotrop.pdbx_auth_asym_id 
_atom_site_anisotrop.pdbx_auth_atom_id 
1   C CAA . O65 A 1  ? 0.3130 0.1771 0.3644 -0.0720 0.1397  -0.0501 1  O65 A CAA 
2   C CAB . O65 A 1  ? 0.2572 0.1451 0.1425 -0.0757 0.0102  -0.0513 1  O65 A CAB 
3   C CAC . O65 A 1  ? 0.2050 0.2953 0.1826 -0.0895 -0.0414 0.0094  1  O65 A CAC 
4   C CAD . O65 A 1  ? 0.2438 0.3236 0.1499 0.0027  0.0180  0.0357  1  O65 A CAD 
5   C CAE . O65 A 1  ? 0.4496 0.1581 0.2059 -0.0027 0.0020  -0.0579 1  O65 A CAE 
6   C CAF . O65 A 1  ? 0.4225 0.1118 0.1363 -0.0026 -0.0711 -0.0335 1  O65 A CAF 
7   C CAG . O65 A 1  ? 0.3883 0.2258 0.1317 -0.0326 -0.0813 -0.0314 1  O65 A CAG 
8   C CAH . O65 A 1  ? 0.4294 0.1068 0.3290 -0.0284 -0.0243 -0.0042 1  O65 A CAH 
9   C CAJ . O65 A 1  ? 0.3616 0.2116 0.3404 -0.0756 -0.0892 0.0276  1  O65 A CAJ 
10  C CAM . O65 A 1  ? 0.2416 0.3783 0.1562 -0.0426 -0.0185 0.0661  1  O65 A CAM 
19  O O3  . O65 A 1  ? 0.3758 0.1547 0.4624 -0.0483 -0.1129 -0.0416 1  O65 A O3  
21  N N   . HIS A 2  ? 0.3423 0.2936 0.3670 -0.0536 -0.0071 0.0833  2  HIS A N   
22  C CA  . HIS A 2  ? 0.3605 0.2523 0.2598 -0.0821 -0.0132 -0.0288 2  HIS A CA  
23  C C   . HIS A 2  ? 0.3730 0.2844 0.2117 -0.1596 0.1130  -0.0714 2  HIS A C   
24  O O   . HIS A 2  ? 0.2090 0.2236 0.2913 -0.0554 -0.0076 -0.0761 2  HIS A O   
25  C CB  . HIS A 2  ? 0.3198 0.2163 0.2861 -0.0472 -0.0538 0.0761  2  HIS A CB  
26  C CG  . HIS A 2  ? 0.2996 0.2445 0.2344 -0.0136 -0.0292 0.0684  2  HIS A CG  
27  N ND1 . HIS A 2  ? 0.1317 0.4238 0.3909 0.0137  0.0657  -0.1518 2  HIS A ND1 
28  C CD2 . HIS A 2  ? 0.2650 0.3801 0.2013 0.0192  -0.0002 -0.0002 2  HIS A CD2 
29  C CE1 . HIS A 2  ? 0.1110 0.3921 0.3303 0.0129  0.0752  -0.0920 2  HIS A CE1 
30  N NE2 . HIS A 2  ? 0.2049 0.3723 0.1870 0.0262  0.0294  -0.0004 2  HIS A NE2 
38  N N   . ORN A 3  ? 0.3252 0.3043 0.2197 -0.0680 0.1134  -0.0932 3  ORN A N   
39  C CA  . ORN A 3  ? 0.3711 0.1918 0.1288 0.0356  -0.0299 -0.0066 3  ORN A CA  
40  C CB  . ORN A 3  ? 0.3268 0.1844 0.2119 -0.0037 0.0000  0.0271  3  ORN A CB  
41  C CG  . ORN A 3  ? 0.3482 0.4489 0.1335 -0.0364 0.0324  -0.0744 3  ORN A CG  
42  C CD  . ORN A 3  ? 0.3352 0.4879 0.1143 -0.0395 -0.0233 0.0382  3  ORN A CD  
43  N NE  . ORN A 3  ? 0.3435 0.5155 0.3237 -0.2590 0.0877  -0.1089 3  ORN A NE  
44  C C   . ORN A 3  ? 0.3199 0.2080 0.1372 -0.0035 -0.0439 -0.0208 3  ORN A C   
45  O O   . ORN A 3  ? 0.2585 0.2102 0.1994 -0.0705 -0.0670 0.0090  3  ORN A O   
57  N N   . NLE A 4  ? 0.2188 0.2173 0.1755 -0.0380 -0.0470 -0.0431 4  NLE A N   
58  C CA  . NLE A 4  ? 0.2594 0.1382 0.2256 -0.0525 -0.0065 0.0050  4  NLE A CA  
59  C C   . NLE A 4  ? 0.3105 0.1614 0.1757 -0.0588 0.0121  -0.0287 4  NLE A C   
60  O O   . NLE A 4  ? 0.3898 0.2506 0.1322 -0.1549 -0.0160 -0.0240 4  NLE A O   
61  C CB  . NLE A 4  ? 0.3462 0.1728 0.1705 -0.0349 -0.0408 -0.0629 4  NLE A CB  
62  C CG  . NLE A 4  ? 0.3196 0.2008 0.1376 0.0064  -0.0856 -0.0097 4  NLE A CG  
63  C CD  . NLE A 4  ? 0.2124 0.3361 0.2288 -0.0487 -0.0797 -0.0083 4  NLE A CD  
64  C CE  . NLE A 4  ? 0.2847 0.1400 0.3093 0.0554  -0.1282 -0.0619 4  NLE A CE  
76  N N   . TYR A 5  ? 0.2926 0.2339 0.1332 -0.0590 0.0062  -0.0150 5  TYR A N   
77  C CA  . TYR A 5  ? 0.4276 0.2255 0.2230 -0.0789 -0.1001 -0.0037 5  TYR A CA  
78  C C   . TYR A 5  ? 0.3198 0.2622 0.3545 0.0168  -0.0273 -0.0173 5  TYR A C   
79  O O   . TYR A 5  ? 0.4011 0.1449 0.3649 -0.0977 0.0433  -0.0350 5  TYR A O   
80  C CB  . TYR A 5  ? 0.4528 0.4036 0.4162 -0.1920 -0.1904 -0.0434 5  TYR A CB  
81  C CG  . TYR A 5  ? 0.4403 0.5550 0.3181 -0.1210 -0.1243 -0.0373 5  TYR A CG  
82  C CD1 . TYR A 5  ? 0.3207 0.5330 0.2974 -0.1527 -0.0689 -0.0159 5  TYR A CD1 
83  C CD2 . TYR A 5  ? 0.5641 0.3115 0.3710 -0.1995 -0.2206 0.0037  5  TYR A CD2 
84  C CE1 . TYR A 5  ? 0.3369 0.4212 0.2373 -0.2565 -0.0422 0.0853  5  TYR A CE1 
85  C CE2 . TYR A 5  ? 0.5207 0.3202 0.3382 -0.2295 -0.1770 0.0687  5  TYR A CE2 
86  C CZ  . TYR A 5  ? 0.4317 0.4523 0.2426 -0.1940 -0.1220 0.0705  5  TYR A CZ  
87  O OH  . TYR A 5  ? 0.5283 0.7483 0.2769 -0.0683 -0.1800 0.0206  5  TYR A OH  
97  N N   . DAB A 6  ? 0.1928 0.2167 0.3689 -0.0638 0.0193  -0.0252 6  DAB A N   
98  C CA  . DAB A 6  ? 0.2460 0.2219 0.2380 0.0463  0.0384  0.0648  6  DAB A CA  
99  C C   . DAB A 6  ? 0.3044 0.2118 0.1836 -0.0916 -0.0994 0.0667  6  DAB A C   
100 O O   . DAB A 6  ? 0.4629 0.1414 0.2188 -0.0738 -0.0684 0.0634  6  DAB A O   
101 C CB  . DAB A 6  ? 0.3957 0.2385 0.3177 0.1126  0.0294  -0.0121 6  DAB A CB  
102 C CG  . DAB A 6  ? 0.4782 0.2649 0.4185 0.1544  -0.0592 -0.0291 6  DAB A CG  
103 N ND  . DAB A 6  ? 0.2114 0.2105 0.4780 0.0595  0.1228  0.0664  6  DAB A ND  
113 N N   . CYS A 7  ? 0.2669 0.3441 0.2252 -0.1244 -0.1209 0.0839  7  CYS A N   
114 C CA  . CYS A 7  ? 0.2937 0.2278 0.2260 -0.1285 -0.0631 -0.0085 7  CYS A CA  
115 C C   . CYS A 7  ? 0.4290 0.1855 0.2246 -0.0873 -0.0346 -0.0015 7  CYS A C   
116 O O   . CYS A 7  ? 0.4037 0.1633 0.2136 -0.0660 -0.1542 -0.0006 7  CYS A O   
117 C CB  . CYS A 7  ? 0.2718 0.2072 0.1906 -0.0694 0.0738  0.0212  7  CYS A CB  
118 S SG  . CYS A 7  ? 0.2519 0.2010 0.2787 -0.0491 -0.0007 0.0090  7  CYS A SG  
123 N N   . ILE A 8  ? 0.3876 0.1568 0.2262 -0.0930 -0.0612 0.0196  8  ILE A N   
124 C CA  . ILE A 8  ? 0.2908 0.2269 0.2374 -0.0256 -0.0293 -0.0263 8  ILE A CA  
125 C C   . ILE A 8  ? 0.2365 0.1865 0.1874 -0.1042 -0.0464 -0.0187 8  ILE A C   
126 O O   . ILE A 8  ? 0.3631 0.3164 0.1601 -0.1404 -0.0111 0.0035  8  ILE A O   
127 C CB  . ILE A 8  ? 0.2867 0.2099 0.1915 -0.0325 -0.0197 0.0046  8  ILE A CB  
128 C CG1 . ILE A 8  ? 0.1204 0.2448 0.3584 -0.0307 0.0295  -0.0781 8  ILE A CG1 
129 C CG2 . ILE A 8  ? 0.5832 0.4788 0.2145 -0.1758 -0.1231 -0.0231 8  ILE A CG2 
130 C CD1 . ILE A 8  ? 0.1795 0.2825 0.4238 0.0639  -0.0519 0.1040  8  ILE A CD1 
142 N N   . ARG A 9  ? 0.2440 0.2245 0.1985 -0.0719 -0.0668 0.0041  9  ARG A N   
143 C CA  . ARG A 9  ? 0.2499 0.2321 0.2906 -0.0603 -0.0175 0.0267  9  ARG A CA  
144 C C   . ARG A 9  ? 0.2452 0.2140 0.2297 -0.0483 0.0404  -0.0207 9  ARG A C   
145 O O   . ARG A 9  ? 0.1144 0.2360 0.2919 0.0013  0.0048  0.0329  9  ARG A O   
146 C CB  . ARG A 9  ? 0.2226 0.3479 0.2820 -0.0593 -0.0175 0.0917  9  ARG A CB  
147 C CG  . ARG A 9  ? 0.2656 0.5010 0.1450 0.0166  0.0323  0.0790  9  ARG A CG  
148 C CD  . ARG A 9  ? 0.2616 0.3902 0.3111 0.1111  0.0371  0.1526  9  ARG A CD  
149 N NE  . ARG A 9  ? 0.2482 0.5211 0.4166 0.1243  0.0315  0.0310  9  ARG A NE  
150 C CZ  . ARG A 9  ? 0.2144 0.2466 0.3561 0.0494  -0.0412 -0.1181 9  ARG A CZ  
151 N NH1 . ARG A 9  ? 0.1258 0.4169 0.2573 -0.0657 0.1440  -0.1164 9  ARG A NH1 
152 N NH2 . ARG A 9  ? 0.4452 0.5274 0.1519 -0.2349 -0.0121 -0.1267 9  ARG A NH2 
166 N N   . CYS A 10 ? 0.3362 0.2909 0.2061 -0.1322 0.0459  0.0017  10 CYS A N   
167 C CA  . CYS A 10 ? 0.2675 0.2073 0.2302 -0.0200 0.0030  -0.0083 10 CYS A CA  
168 C C   . CYS A 10 ? 0.2163 0.1593 0.2127 -0.0353 -0.0406 0.0122  10 CYS A C   
169 O O   . CYS A 10 ? 0.3084 0.2164 0.1771 0.0080  -0.0720 0.0682  10 CYS A O   
170 C CB  . CYS A 10 ? 0.3616 0.0859 0.2198 -0.0163 0.0075  0.0072  10 CYS A CB  
171 S SG  . CYS A 10 ? 0.2683 0.4247 0.1924 0.0571  -0.0579 0.0134  10 CYS A SG  
176 N N   . TYR A 11 ? 0.1805 0.1768 0.2389 -0.0457 -0.0550 -0.0158 11 TYR A N   
177 C CA  . TYR A 11 ? 0.2675 0.2099 0.2617 -0.0304 0.0032  -0.0173 11 TYR A CA  
178 C C   . TYR A 11 ? 0.1727 0.1651 0.2631 0.0208  0.0276  -0.0071 11 TYR A C   
179 O O   . TYR A 11 ? 0.2507 0.2493 0.2933 0.0398  0.0910  0.0442  11 TYR A O   
180 C CB  . TYR A 11 ? 0.2176 0.3271 0.2164 -0.0489 0.0265  0.0625  11 TYR A CB  
181 C CG  . TYR A 11 ? 0.3103 0.2676 0.1802 -0.0795 0.0221  0.1021  11 TYR A CG  
182 C CD1 . TYR A 11 ? 0.1950 0.3080 0.2869 -0.0424 0.0196  0.0370  11 TYR A CD1 
183 C CD2 . TYR A 11 ? 0.3793 0.3288 0.1689 0.0070  0.0272  0.0819  11 TYR A CD2 
184 C CE1 . TYR A 11 ? 0.1931 0.2629 0.2707 0.0070  0.0340  0.0206  11 TYR A CE1 
185 C CE2 . TYR A 11 ? 0.1577 0.3062 0.4411 0.0571  -0.1030 -0.0300 11 TYR A CE2 
186 C CZ  . TYR A 11 ? 0.2076 0.3035 0.4698 0.0705  -0.0964 -0.0341 11 TYR A CZ  
187 O OH  . TYR A 11 ? 0.7306 0.1775 0.3516 -0.0199 -0.1789 0.0982  11 TYR A OH  
197 N N   . ALA A 12 ? 0.2454 0.2252 0.2761 -0.0258 -0.0290 0.0079  12 ALA A N   
198 C CA  . ALA A 12 ? 0.3520 0.1661 0.2993 0.0033  -0.0701 -0.0359 12 ALA A CA  
199 C C   . ALA A 12 ? 0.2465 0.1657 0.4136 -0.0477 -0.1668 -0.0486 12 ALA A C   
200 O O   . ALA A 12 ? 0.2051 0.2817 0.3496 0.0509  0.0582  0.0720  12 ALA A O   
201 C CB  . ALA A 12 ? 0.3801 0.1726 0.1699 -0.0109 -0.0178 -0.0723 12 ALA A CB  
207 N N   . NH2 A 13 ? 0.4369 0.2948 0.3095 0.1856  0.1879  0.1565  13 NH2 A N   
# 
